data_6V78
#
_entry.id   6V78
#
_cell.length_a   109.520
_cell.length_b   138.510
_cell.length_c   91.700
_cell.angle_alpha   90.000
_cell.angle_beta   90.000
_cell.angle_gamma   90.000
#
_symmetry.space_group_name_H-M   'P 21 21 2'
#
loop_
_entity.id
_entity.type
_entity.pdbx_description
1 polymer OmpK37
2 water water
#
_entity_poly.entity_id   1
_entity_poly.type   'polypeptide(L)'
_entity_poly.pdbx_seq_one_letter_code
;GAMAEIYNKDGNKLDLYGKVDGLHYFSSDSKKDGDQTYLRFGFKGETQINDMLTGYGQWEYNVQANNTETSSDQAWTRLA
FAGIKVGDYGSFDYGRNYGVLYDVEGWTDMLPEFGGDSYTYADNFMAGRANGVATYRNSDFFGLVEGLNFALQYQGKNEG
QNAQDINVGTNNRSSDSDVRFDNGDGFGLSTSYDFGMGISAAAAYTSSDRTNDQMTQTNARGDKAEAWTAGLKYDANDIY
LATMYSETRNMTPYGNDGVANKTQNFEVTAQYQFDFGLRPAISYLQSKGKDLYNNGRYADKDLVKYMDVGATYYFNRNMS
TYVDYKINLLDGNDKFYEDNGISTDNIVALGLVYQF
;
_entity_poly.pdbx_strand_id   A,B,C
#
# COMPACT_ATOMS: atom_id res chain seq x y z
N ALA A 4 -3.03 1.13 21.09
CA ALA A 4 -1.74 0.53 21.41
C ALA A 4 -0.60 1.56 21.40
N GLU A 5 -0.19 2.01 22.59
CA GLU A 5 0.90 2.97 22.73
C GLU A 5 2.28 2.31 22.58
N ILE A 6 3.04 2.72 21.56
CA ILE A 6 4.38 2.19 21.33
C ILE A 6 5.44 3.24 21.50
N TYR A 7 5.07 4.51 21.60
CA TYR A 7 5.99 5.61 21.77
C TYR A 7 5.34 6.64 22.68
N ASN A 8 6.14 7.19 23.59
CA ASN A 8 5.74 8.32 24.42
C ASN A 8 7.00 8.95 24.99
N LYS A 9 7.70 9.74 24.19
CA LYS A 9 8.96 10.31 24.58
C LYS A 9 8.97 11.79 24.22
N ASP A 10 9.40 12.64 25.18
CA ASP A 10 9.53 14.07 24.96
C ASP A 10 8.24 14.66 24.38
N GLY A 11 7.13 14.36 25.04
CA GLY A 11 5.88 14.97 24.67
C GLY A 11 5.35 14.54 23.32
N ASN A 12 5.78 13.37 22.84
CA ASN A 12 5.30 12.83 21.59
C ASN A 12 4.76 11.44 21.86
N LYS A 13 3.56 11.15 21.36
CA LYS A 13 2.96 9.83 21.49
C LYS A 13 2.62 9.31 20.11
N LEU A 14 2.89 8.02 19.90
CA LEU A 14 2.52 7.33 18.69
C LEU A 14 1.83 6.04 19.10
N ASP A 15 0.57 5.91 18.68
CA ASP A 15 -0.19 4.69 18.87
C ASP A 15 -0.43 4.08 17.49
N LEU A 16 -0.13 2.81 17.35
CA LEU A 16 -0.54 2.07 16.19
C LEU A 16 -1.89 1.45 16.49
N TYR A 17 -2.76 1.37 15.48
CA TYR A 17 -4.05 0.74 15.70
C TYR A 17 -4.57 0.14 14.40
N GLY A 18 -5.36 -0.90 14.54
CA GLY A 18 -5.99 -1.52 13.41
C GLY A 18 -6.54 -2.88 13.82
N LYS A 19 -7.01 -3.62 12.82
CA LYS A 19 -7.60 -4.91 13.08
C LYS A 19 -7.35 -5.82 11.89
N VAL A 20 -7.52 -7.12 12.13
CA VAL A 20 -7.51 -8.13 11.09
C VAL A 20 -8.82 -8.87 11.24
N ASP A 21 -9.59 -8.87 10.18
CA ASP A 21 -10.89 -9.48 10.18
C ASP A 21 -11.00 -10.67 9.29
N GLY A 22 -11.00 -11.85 9.87
CA GLY A 22 -11.23 -13.03 9.06
C GLY A 22 -12.70 -13.08 8.79
N LEU A 23 -13.11 -12.64 7.62
CA LEU A 23 -14.49 -12.47 7.27
C LEU A 23 -15.07 -13.18 6.05
N HIS A 24 -16.19 -13.84 6.23
CA HIS A 24 -16.80 -14.59 5.14
C HIS A 24 -18.25 -14.20 4.97
N TYR A 25 -18.67 -14.03 3.73
CA TYR A 25 -20.04 -13.72 3.43
C TYR A 25 -20.67 -14.86 2.71
N PHE A 26 -21.85 -15.28 3.10
CA PHE A 26 -22.62 -16.32 2.44
C PHE A 26 -23.81 -15.60 1.83
N SER A 27 -23.84 -15.53 0.50
CA SER A 27 -24.88 -14.78 -0.16
C SER A 27 -25.06 -15.30 -1.59
N SER A 28 -26.31 -15.32 -2.03
CA SER A 28 -26.68 -15.76 -3.38
C SER A 28 -26.30 -14.73 -4.42
N ASP A 29 -25.87 -13.55 -3.98
CA ASP A 29 -25.31 -12.53 -4.83
C ASP A 29 -23.84 -12.84 -5.12
N SER A 30 -23.51 -13.13 -6.38
CA SER A 30 -22.15 -13.56 -6.67
C SER A 30 -21.19 -12.39 -6.65
N LYS A 31 -21.67 -11.15 -6.50
CA LYS A 31 -20.77 -10.03 -6.23
C LYS A 31 -20.53 -9.83 -4.73
N LYS A 32 -21.19 -10.59 -3.86
CA LYS A 32 -20.92 -10.54 -2.44
C LYS A 32 -20.43 -11.85 -1.85
N ASP A 33 -20.74 -12.99 -2.47
CA ASP A 33 -20.38 -14.28 -1.91
C ASP A 33 -18.86 -14.44 -1.80
N GLY A 34 -18.42 -15.10 -0.74
CA GLY A 34 -17.03 -15.49 -0.66
C GLY A 34 -16.23 -14.93 0.50
N ASP A 35 -14.91 -14.99 0.34
CA ASP A 35 -14.03 -14.43 1.35
C ASP A 35 -14.07 -12.92 1.28
N GLN A 36 -14.06 -12.27 2.45
CA GLN A 36 -14.10 -10.81 2.54
C GLN A 36 -13.06 -10.33 3.54
N THR A 37 -12.04 -11.14 3.77
CA THR A 37 -11.03 -10.87 4.77
C THR A 37 -10.28 -9.58 4.46
N TYR A 38 -10.17 -8.71 5.47
CA TYR A 38 -9.47 -7.45 5.33
C TYR A 38 -8.79 -7.10 6.65
N LEU A 39 -7.97 -6.06 6.59
CA LEU A 39 -7.28 -5.56 7.75
C LEU A 39 -7.19 -4.04 7.66
N ARG A 40 -7.01 -3.43 8.82
CA ARG A 40 -6.81 -1.99 8.91
C ARG A 40 -5.49 -1.73 9.61
N PHE A 41 -4.75 -0.77 9.08
CA PHE A 41 -3.50 -0.35 9.69
C PHE A 41 -3.50 1.17 9.75
N GLY A 42 -2.98 1.70 10.84
CA GLY A 42 -2.81 3.12 10.92
C GLY A 42 -2.22 3.51 12.24
N PHE A 43 -2.00 4.81 12.39
CA PHE A 43 -1.42 5.35 13.60
C PHE A 43 -2.20 6.56 14.05
N LYS A 44 -2.06 6.90 15.32
CA LYS A 44 -2.59 8.12 15.90
C LYS A 44 -1.46 8.76 16.70
N GLY A 45 -1.08 9.98 16.32
CA GLY A 45 0.02 10.67 16.95
C GLY A 45 -0.44 12.00 17.55
N GLU A 46 0.16 12.33 18.68
CA GLU A 46 -0.18 13.53 19.44
C GLU A 46 1.07 14.05 20.14
N THR A 47 1.29 15.34 19.98
CA THR A 47 2.40 16.01 20.63
C THR A 47 1.91 17.22 21.40
N GLN A 48 2.51 17.44 22.56
CA GLN A 48 2.13 18.58 23.37
C GLN A 48 3.05 19.77 23.10
N ILE A 49 2.53 20.70 22.29
CA ILE A 49 3.19 21.95 21.96
C ILE A 49 3.41 22.78 23.22
N ASN A 50 2.34 23.02 23.98
CA ASN A 50 2.43 23.64 25.31
C ASN A 50 1.15 23.33 26.08
N ASP A 51 0.96 24.00 27.21
CA ASP A 51 -0.06 23.63 28.18
C ASP A 51 -1.47 23.68 27.61
N MET A 52 -1.71 24.51 26.59
CA MET A 52 -3.04 24.58 26.00
C MET A 52 -3.02 24.24 24.51
N LEU A 53 -1.98 23.56 24.03
CA LEU A 53 -1.86 23.26 22.62
C LEU A 53 -1.46 21.80 22.41
N THR A 54 -2.06 21.17 21.42
CA THR A 54 -1.73 19.81 21.04
C THR A 54 -1.76 19.70 19.53
N GLY A 55 -0.79 19.02 18.96
CA GLY A 55 -0.81 18.70 17.54
C GLY A 55 -1.17 17.22 17.42
N TYR A 56 -1.86 16.89 16.33
CA TYR A 56 -2.24 15.51 16.14
C TYR A 56 -2.25 15.20 14.65
N GLY A 57 -1.95 13.95 14.33
CA GLY A 57 -2.08 13.44 12.99
C GLY A 57 -2.62 12.04 13.08
N GLN A 58 -3.35 11.63 12.05
CA GLN A 58 -3.97 10.31 12.05
C GLN A 58 -4.02 9.77 10.64
N TRP A 59 -3.71 8.49 10.50
CA TRP A 59 -3.81 7.78 9.23
C TRP A 59 -4.55 6.48 9.48
N GLU A 60 -5.50 6.16 8.63
CA GLU A 60 -6.15 4.86 8.69
C GLU A 60 -6.12 4.26 7.30
N TYR A 61 -5.63 3.04 7.20
CA TYR A 61 -5.47 2.38 5.92
C TYR A 61 -6.34 1.15 5.92
N ASN A 62 -6.97 0.88 4.78
CA ASN A 62 -7.68 -0.36 4.56
C ASN A 62 -6.92 -1.18 3.55
N VAL A 63 -6.69 -2.45 3.89
CA VAL A 63 -5.96 -3.35 3.03
C VAL A 63 -6.81 -4.60 2.88
N GLN A 64 -7.25 -4.88 1.65
CA GLN A 64 -7.97 -6.11 1.42
C GLN A 64 -6.95 -7.24 1.33
N ALA A 65 -7.31 -8.38 1.89
CA ALA A 65 -6.49 -9.57 1.77
C ALA A 65 -7.34 -10.72 1.23
N ASN A 66 -8.33 -10.39 0.43
CA ASN A 66 -9.27 -11.37 -0.04
C ASN A 66 -9.12 -11.65 -1.52
N ASN A 67 -8.26 -10.91 -2.20
CA ASN A 67 -7.98 -11.16 -3.59
C ASN A 67 -6.51 -11.58 -3.71
N THR A 68 -6.12 -12.01 -4.91
CA THR A 68 -4.80 -12.63 -5.05
C THR A 68 -3.71 -11.58 -5.13
N GLU A 69 -2.49 -12.01 -4.80
CA GLU A 69 -1.33 -11.11 -4.81
C GLU A 69 -1.14 -10.45 -6.17
N THR A 70 -1.91 -10.91 -7.15
CA THR A 70 -1.94 -10.33 -8.48
C THR A 70 -2.94 -9.20 -8.62
N SER A 71 -3.94 -9.16 -7.74
CA SER A 71 -5.00 -8.17 -7.82
C SER A 71 -4.46 -6.76 -7.70
N SER A 72 -5.21 -5.81 -8.22
CA SER A 72 -4.88 -4.40 -8.11
C SER A 72 -5.85 -3.74 -7.12
N ASP A 73 -5.43 -2.60 -6.60
CA ASP A 73 -6.28 -1.74 -5.76
C ASP A 73 -6.92 -2.49 -4.57
N GLN A 74 -6.10 -3.21 -3.82
CA GLN A 74 -6.58 -3.87 -2.62
C GLN A 74 -6.36 -3.03 -1.38
N ALA A 75 -5.90 -1.79 -1.55
CA ALA A 75 -5.53 -0.96 -0.41
C ALA A 75 -5.86 0.49 -0.68
N TRP A 76 -6.36 1.17 0.35
CA TRP A 76 -6.65 2.59 0.22
C TRP A 76 -6.80 3.23 1.59
N THR A 77 -6.71 4.56 1.60
CA THR A 77 -6.73 5.31 2.85
C THR A 77 -8.14 5.77 3.16
N ARG A 78 -8.56 5.48 4.39
CA ARG A 78 -9.86 5.96 4.84
C ARG A 78 -9.74 7.32 5.52
N LEU A 79 -8.69 7.51 6.32
CA LEU A 79 -8.49 8.74 7.08
C LEU A 79 -7.03 9.16 7.03
N ALA A 80 -6.81 10.47 6.93
CA ALA A 80 -5.47 11.04 7.00
C ALA A 80 -5.63 12.56 7.23
N PHE A 81 -5.37 13.01 8.46
CA PHE A 81 -5.61 14.42 8.79
C PHE A 81 -4.61 14.89 9.82
N ALA A 82 -4.33 16.19 9.79
CA ALA A 82 -3.49 16.85 10.77
C ALA A 82 -4.25 18.02 11.39
N GLY A 83 -3.98 18.27 12.67
CA GLY A 83 -4.82 19.23 13.36
C GLY A 83 -4.22 19.71 14.67
N ILE A 84 -4.87 20.73 15.24
CA ILE A 84 -4.45 21.35 16.48
C ILE A 84 -5.65 21.38 17.41
N LYS A 85 -5.41 21.12 18.69
CA LYS A 85 -6.44 21.25 19.69
C LYS A 85 -6.00 22.30 20.71
N VAL A 86 -6.75 23.38 20.81
CA VAL A 86 -6.38 24.48 21.70
C VAL A 86 -7.03 24.18 23.05
N GLY A 87 -6.56 23.12 23.71
CA GLY A 87 -7.04 22.77 25.04
C GLY A 87 -8.52 22.59 25.02
N ASP A 88 -9.20 23.45 25.77
CA ASP A 88 -10.65 23.47 25.88
C ASP A 88 -11.33 24.25 24.76
N TYR A 89 -10.62 25.16 24.07
CA TYR A 89 -11.31 25.97 23.06
C TYR A 89 -11.75 25.17 21.83
N GLY A 90 -11.28 23.95 21.65
CA GLY A 90 -11.77 23.14 20.56
C GLY A 90 -10.63 22.65 19.70
N SER A 91 -10.97 22.17 18.52
CA SER A 91 -9.98 21.57 17.66
C SER A 91 -10.26 21.95 16.22
N PHE A 92 -9.18 21.97 15.44
CA PHE A 92 -9.27 22.18 14.01
C PHE A 92 -8.35 21.18 13.35
N ASP A 93 -8.86 20.43 12.38
CA ASP A 93 -8.01 19.52 11.63
C ASP A 93 -8.41 19.55 10.17
N TYR A 94 -7.47 19.13 9.32
CA TYR A 94 -7.69 19.13 7.88
C TYR A 94 -7.09 17.88 7.27
N GLY A 95 -7.66 17.43 6.16
CA GLY A 95 -7.13 16.29 5.44
C GLY A 95 -8.23 15.40 4.91
N ARG A 96 -8.05 14.08 4.94
CA ARG A 96 -9.15 13.17 4.59
C ARG A 96 -9.81 12.73 5.89
N ASN A 97 -10.96 13.30 6.19
CA ASN A 97 -11.62 13.04 7.47
C ASN A 97 -13.11 12.84 7.21
N TYR A 98 -13.84 12.52 8.29
CA TYR A 98 -15.27 12.26 8.17
C TYR A 98 -16.08 13.55 8.01
N GLY A 99 -17.15 13.47 7.23
CA GLY A 99 -18.05 14.59 7.12
C GLY A 99 -18.93 14.70 8.36
N VAL A 100 -19.34 15.95 8.65
CA VAL A 100 -20.04 16.23 9.91
C VAL A 100 -21.35 15.47 9.97
N LEU A 101 -21.91 15.12 8.80
CA LEU A 101 -23.13 14.32 8.77
C LEU A 101 -22.95 13.01 9.51
N TYR A 102 -21.72 12.46 9.49
CA TYR A 102 -21.44 11.17 10.12
C TYR A 102 -21.39 11.28 11.64
N ASP A 103 -21.31 12.50 12.20
CA ASP A 103 -21.48 12.74 13.63
C ASP A 103 -22.85 12.26 14.12
N VAL A 104 -23.83 12.22 13.24
CA VAL A 104 -25.10 11.59 13.56
C VAL A 104 -25.08 10.13 13.20
N GLU A 105 -24.68 9.86 11.95
CA GLU A 105 -24.72 8.52 11.38
C GLU A 105 -23.91 7.51 12.19
N GLY A 106 -22.83 7.94 12.85
CA GLY A 106 -22.03 7.00 13.61
C GLY A 106 -22.78 6.31 14.73
N TRP A 107 -23.81 6.96 15.25
CA TRP A 107 -24.58 6.39 16.35
C TRP A 107 -25.30 5.12 15.94
N THR A 108 -25.82 5.07 14.71
CA THR A 108 -26.54 3.89 14.21
C THR A 108 -25.67 3.04 13.31
N ASP A 109 -24.47 3.52 13.00
CA ASP A 109 -23.52 2.72 12.25
C ASP A 109 -22.68 1.92 13.23
N MET A 110 -23.34 0.98 13.91
CA MET A 110 -22.70 0.15 14.92
C MET A 110 -23.16 -1.31 14.82
N LEU A 111 -23.49 -1.80 13.63
CA LEU A 111 -23.92 -3.20 13.56
C LEU A 111 -22.75 -4.08 13.39
N PRO A 112 -22.87 -5.33 13.81
CA PRO A 112 -21.84 -6.35 13.78
C PRO A 112 -20.97 -6.32 12.55
N GLU A 113 -21.57 -6.32 11.38
CA GLU A 113 -20.87 -6.24 10.14
C GLU A 113 -21.46 -5.17 9.24
N PHE A 114 -22.76 -5.27 9.01
CA PHE A 114 -23.50 -4.39 8.12
C PHE A 114 -23.91 -3.05 8.70
N GLY A 115 -24.81 -2.34 8.06
CA GLY A 115 -25.21 -1.05 8.59
C GLY A 115 -24.54 0.12 7.90
N GLY A 116 -24.78 1.30 8.47
CA GLY A 116 -24.14 2.53 8.04
C GLY A 116 -24.31 2.85 6.57
N ASP A 117 -25.32 2.28 5.91
CA ASP A 117 -25.47 2.46 4.47
C ASP A 117 -26.90 2.73 4.03
N SER A 118 -27.70 3.44 4.85
CA SER A 118 -29.00 3.93 4.37
C SER A 118 -28.79 5.00 3.30
N TYR A 119 -27.92 5.97 3.60
CA TYR A 119 -27.53 7.02 2.66
C TYR A 119 -26.04 7.33 2.66
N THR A 120 -25.25 6.78 3.59
CA THR A 120 -23.84 7.15 3.73
C THR A 120 -22.95 6.38 2.75
N TYR A 121 -22.24 7.10 1.89
CA TYR A 121 -21.23 6.52 1.02
C TYR A 121 -19.95 7.32 1.14
N ALA A 122 -18.81 6.69 0.90
CA ALA A 122 -17.58 7.43 1.00
C ALA A 122 -17.41 8.37 -0.20
N ASP A 123 -16.70 9.47 0.03
CA ASP A 123 -16.39 10.45 -1.01
C ASP A 123 -17.66 10.95 -1.69
N ASN A 124 -18.69 11.17 -0.89
CA ASN A 124 -20.00 11.63 -1.33
C ASN A 124 -20.33 12.92 -0.58
N PHE A 125 -19.72 14.01 -1.03
CA PHE A 125 -19.78 15.31 -0.35
C PHE A 125 -19.31 15.04 1.08
N MET A 126 -20.06 15.43 2.11
CA MET A 126 -19.68 15.16 3.49
C MET A 126 -20.53 14.07 4.12
N ALA A 127 -21.10 13.17 3.30
CA ALA A 127 -21.88 12.08 3.86
C ALA A 127 -21.00 11.14 4.68
N GLY A 128 -19.81 10.82 4.19
CA GLY A 128 -18.90 9.98 4.93
C GLY A 128 -17.49 10.51 4.89
N ARG A 129 -16.54 9.65 4.58
CA ARG A 129 -15.15 10.09 4.48
C ARG A 129 -14.98 10.88 3.20
N ALA A 130 -14.23 11.97 3.28
CA ALA A 130 -14.15 12.88 2.15
C ALA A 130 -12.74 13.41 2.01
N ASN A 131 -12.41 13.85 0.79
CA ASN A 131 -11.13 14.51 0.58
C ASN A 131 -11.25 16.00 0.85
N GLY A 132 -10.22 16.54 1.50
CA GLY A 132 -10.12 17.98 1.67
C GLY A 132 -11.17 18.64 2.53
N VAL A 133 -11.37 18.17 3.75
CA VAL A 133 -12.34 18.74 4.68
C VAL A 133 -11.58 19.48 5.77
N ALA A 134 -11.95 20.74 6.00
CA ALA A 134 -11.45 21.50 7.13
C ALA A 134 -12.57 21.54 8.15
N THR A 135 -12.27 21.09 9.37
CA THR A 135 -13.31 20.94 10.39
C THR A 135 -12.90 21.66 11.64
N TYR A 136 -13.75 22.59 12.08
CA TYR A 136 -13.59 23.24 13.38
C TYR A 136 -14.55 22.55 14.35
N ARG A 137 -14.04 22.22 15.51
CA ARG A 137 -14.81 21.52 16.49
C ARG A 137 -14.73 22.28 17.79
N ASN A 138 -15.75 22.11 18.60
CA ASN A 138 -15.85 22.79 19.87
C ASN A 138 -16.60 21.88 20.83
N SER A 139 -16.12 21.79 22.06
CA SER A 139 -16.77 20.94 23.03
C SER A 139 -17.76 21.70 23.91
N ASP A 140 -17.85 23.06 23.79
CA ASP A 140 -18.77 23.87 24.60
C ASP A 140 -19.53 24.92 23.81
N PHE A 141 -19.63 24.80 22.49
CA PHE A 141 -20.31 25.79 21.63
C PHE A 141 -19.89 27.22 21.94
N PHE A 142 -18.60 27.52 21.69
CA PHE A 142 -18.08 28.87 21.83
C PHE A 142 -18.28 29.42 23.24
N GLY A 143 -18.31 28.53 24.23
CA GLY A 143 -18.48 28.89 25.62
C GLY A 143 -19.90 29.13 26.07
N LEU A 144 -20.89 29.01 25.18
CA LEU A 144 -22.27 29.32 25.53
C LEU A 144 -22.95 28.21 26.35
N VAL A 145 -22.68 26.95 26.05
CA VAL A 145 -23.38 25.82 26.65
C VAL A 145 -22.39 24.69 26.92
N GLU A 146 -22.14 24.38 28.19
CA GLU A 146 -21.23 23.27 28.48
C GLU A 146 -21.87 21.93 28.13
N GLY A 147 -21.09 21.03 27.51
CA GLY A 147 -21.55 19.73 27.08
C GLY A 147 -22.14 19.68 25.68
N LEU A 148 -22.26 20.81 25.02
CA LEU A 148 -22.83 20.87 23.68
C LEU A 148 -21.68 20.93 22.69
N ASN A 149 -21.55 19.89 21.88
CA ASN A 149 -20.48 19.84 20.89
C ASN A 149 -20.95 20.55 19.63
N PHE A 150 -20.03 21.28 19.00
CA PHE A 150 -20.37 22.01 17.80
C PHE A 150 -19.31 21.77 16.75
N ALA A 151 -19.71 21.74 15.48
CA ALA A 151 -18.77 21.50 14.41
C ALA A 151 -19.06 22.44 13.25
N LEU A 152 -18.00 23.06 12.74
CA LEU A 152 -18.04 23.80 11.50
C LEU A 152 -17.03 23.17 10.54
N GLN A 153 -17.47 22.91 9.31
CA GLN A 153 -16.67 22.13 8.39
C GLN A 153 -16.77 22.73 7.00
N TYR A 154 -15.65 22.71 6.27
CA TYR A 154 -15.62 23.25 4.92
C TYR A 154 -14.84 22.27 4.03
N GLN A 155 -15.43 21.92 2.90
CA GLN A 155 -14.87 20.96 1.96
C GLN A 155 -14.61 21.71 0.66
N GLY A 156 -13.34 21.71 0.23
CA GLY A 156 -12.99 22.35 -1.00
C GLY A 156 -13.44 21.55 -2.20
N LYS A 157 -13.46 22.23 -3.34
CA LYS A 157 -13.89 21.65 -4.60
C LYS A 157 -13.16 20.34 -4.86
N ASN A 158 -13.91 19.31 -5.27
CA ASN A 158 -13.36 18.02 -5.71
C ASN A 158 -14.01 17.73 -7.06
N GLU A 159 -13.42 18.27 -8.12
CA GLU A 159 -14.01 18.30 -9.44
C GLU A 159 -13.05 17.65 -10.42
N GLY A 160 -13.60 16.80 -11.29
CA GLY A 160 -12.76 16.08 -12.21
C GLY A 160 -12.32 16.94 -13.38
N GLN A 161 -11.11 16.67 -13.85
CA GLN A 161 -10.61 17.42 -14.99
C GLN A 161 -11.35 17.00 -16.25
N ASN A 162 -11.27 17.85 -17.27
CA ASN A 162 -11.77 17.50 -18.59
C ASN A 162 -10.63 17.42 -19.59
N ALA A 163 -10.65 16.37 -20.41
CA ALA A 163 -9.70 16.26 -21.51
C ALA A 163 -9.84 17.42 -22.49
N GLN A 164 -10.99 18.11 -22.48
CA GLN A 164 -11.32 19.15 -23.45
C GLN A 164 -10.89 20.53 -23.00
N ASP A 165 -11.41 20.97 -21.87
CA ASP A 165 -11.04 22.24 -21.28
C ASP A 165 -10.09 21.85 -20.15
N ILE A 166 -8.87 22.37 -20.19
CA ILE A 166 -7.84 21.91 -19.26
C ILE A 166 -7.83 22.84 -18.05
N ASN A 167 -8.79 23.76 -18.02
CA ASN A 167 -9.04 24.59 -16.83
C ASN A 167 -10.31 24.19 -16.08
N VAL A 168 -10.83 22.99 -16.33
CA VAL A 168 -11.94 22.43 -15.57
C VAL A 168 -11.36 21.38 -14.64
N GLY A 169 -11.77 21.39 -13.38
CA GLY A 169 -11.51 20.30 -12.47
C GLY A 169 -10.36 20.60 -11.51
N THR A 170 -10.10 19.61 -10.66
CA THR A 170 -9.09 19.66 -9.62
C THR A 170 -8.02 18.60 -9.85
N ASN A 171 -6.89 18.80 -9.15
CA ASN A 171 -5.75 17.91 -9.27
C ASN A 171 -6.06 16.49 -8.83
N ASN A 172 -7.01 16.33 -7.92
CA ASN A 172 -7.19 15.09 -7.19
C ASN A 172 -8.34 14.24 -7.74
N ARG A 173 -8.75 14.44 -8.98
CA ARG A 173 -9.75 13.58 -9.60
C ARG A 173 -9.29 13.18 -10.99
N SER A 174 -9.10 11.87 -11.17
CA SER A 174 -8.39 11.25 -12.26
C SER A 174 -9.22 11.23 -13.54
N SER A 175 -8.60 10.68 -14.59
CA SER A 175 -9.12 10.76 -15.95
C SER A 175 -10.58 10.33 -16.05
N ASP A 176 -10.84 9.07 -15.69
CA ASP A 176 -12.17 8.48 -15.77
C ASP A 176 -12.92 8.53 -14.44
N SER A 177 -12.69 9.56 -13.61
CA SER A 177 -13.35 9.58 -12.30
C SER A 177 -14.86 9.68 -12.46
N ASP A 178 -15.57 8.96 -11.59
CA ASP A 178 -17.02 9.06 -11.48
C ASP A 178 -17.41 10.40 -10.88
N VAL A 179 -18.15 11.19 -11.66
CA VAL A 179 -18.55 12.53 -11.24
C VAL A 179 -19.53 12.48 -10.08
N ARG A 180 -20.23 11.36 -9.89
CA ARG A 180 -21.20 11.26 -8.80
C ARG A 180 -20.52 11.51 -7.46
N PHE A 181 -19.31 10.98 -7.29
CA PHE A 181 -18.56 11.14 -6.06
C PHE A 181 -17.64 12.36 -6.10
N ASP A 182 -17.82 13.23 -7.10
CA ASP A 182 -17.19 14.55 -7.09
C ASP A 182 -18.04 15.51 -6.26
N ASN A 183 -17.58 16.75 -6.13
CA ASN A 183 -18.26 17.75 -5.32
C ASN A 183 -17.56 19.10 -5.49
N GLY A 184 -18.34 20.18 -5.36
CA GLY A 184 -17.83 21.52 -5.25
C GLY A 184 -17.66 21.95 -3.80
N ASP A 185 -17.55 23.26 -3.60
CA ASP A 185 -17.41 23.77 -2.24
C ASP A 185 -18.70 23.53 -1.44
N GLY A 186 -18.55 23.50 -0.13
CA GLY A 186 -19.67 23.24 0.74
C GLY A 186 -19.28 23.42 2.18
N PHE A 187 -20.25 23.79 3.02
CA PHE A 187 -20.02 23.98 4.45
C PHE A 187 -20.89 22.99 5.21
N GLY A 188 -20.54 22.79 6.46
CA GLY A 188 -21.24 21.82 7.29
C GLY A 188 -21.31 22.32 8.71
N LEU A 189 -22.40 21.95 9.37
CA LEU A 189 -22.64 22.31 10.75
C LEU A 189 -23.15 21.09 11.47
N SER A 190 -22.77 20.93 12.74
CA SER A 190 -23.23 19.76 13.47
C SER A 190 -23.20 20.08 14.95
N THR A 191 -24.02 19.34 15.71
CA THR A 191 -24.08 19.55 17.15
C THR A 191 -24.65 18.31 17.83
N SER A 192 -24.24 18.10 19.08
CA SER A 192 -24.66 16.93 19.86
C SER A 192 -24.69 17.28 21.33
N TYR A 193 -25.50 16.53 22.09
CA TYR A 193 -25.66 16.76 23.52
C TYR A 193 -25.96 15.44 24.23
N ASP A 194 -25.39 15.29 25.44
CA ASP A 194 -25.66 14.16 26.30
C ASP A 194 -26.48 14.66 27.48
N PHE A 195 -27.68 14.13 27.64
CA PHE A 195 -28.60 14.65 28.65
C PHE A 195 -28.33 14.09 30.04
N GLY A 196 -27.41 13.15 30.16
CA GLY A 196 -26.99 12.62 31.43
C GLY A 196 -27.74 11.41 31.93
N MET A 197 -28.94 11.12 31.41
CA MET A 197 -29.64 9.91 31.80
C MET A 197 -29.49 8.82 30.74
N GLY A 198 -28.40 8.86 29.97
CA GLY A 198 -28.18 7.96 28.85
C GLY A 198 -28.78 8.35 27.52
N ILE A 199 -29.51 9.46 27.44
CA ILE A 199 -30.11 9.89 26.17
C ILE A 199 -29.23 10.96 25.55
N SER A 200 -28.98 10.82 24.27
CA SER A 200 -28.23 11.83 23.58
C SER A 200 -28.93 12.13 22.28
N ALA A 201 -28.81 13.36 21.86
CA ALA A 201 -29.42 13.81 20.63
C ALA A 201 -28.35 14.47 19.81
N ALA A 202 -28.51 14.39 18.50
CA ALA A 202 -27.59 15.02 17.59
C ALA A 202 -28.32 15.38 16.32
N ALA A 203 -27.78 16.37 15.62
CA ALA A 203 -28.32 16.73 14.33
C ALA A 203 -27.21 17.33 13.49
N ALA A 204 -27.37 17.24 12.18
CA ALA A 204 -26.35 17.79 11.31
C ALA A 204 -27.02 18.26 10.02
N TYR A 205 -26.38 19.24 9.38
CA TYR A 205 -26.86 19.83 8.15
C TYR A 205 -25.66 20.24 7.31
N THR A 206 -25.68 19.86 6.04
CA THR A 206 -24.66 20.24 5.08
C THR A 206 -25.33 20.72 3.80
N SER A 207 -24.65 21.62 3.11
CA SER A 207 -25.07 22.15 1.82
C SER A 207 -23.84 22.38 0.97
N SER A 208 -23.85 21.87 -0.26
CA SER A 208 -22.65 21.94 -1.08
C SER A 208 -23.02 22.28 -2.52
N ASP A 209 -22.12 23.03 -3.16
CA ASP A 209 -22.20 23.26 -4.59
C ASP A 209 -21.88 21.97 -5.36
N ARG A 210 -22.45 21.87 -6.55
CA ARG A 210 -22.15 20.76 -7.43
C ARG A 210 -21.44 21.24 -8.69
N THR A 211 -20.59 20.38 -9.22
CA THR A 211 -19.72 20.77 -10.32
C THR A 211 -20.53 20.89 -11.61
N ASN A 212 -20.03 21.75 -12.52
CA ASN A 212 -20.70 21.97 -13.79
C ASN A 212 -21.06 20.65 -14.46
N ASP A 213 -20.13 19.71 -14.48
CA ASP A 213 -20.36 18.41 -15.09
C ASP A 213 -21.38 17.58 -14.31
N GLN A 214 -21.53 17.83 -13.00
CA GLN A 214 -22.54 17.13 -12.22
C GLN A 214 -23.94 17.57 -12.61
N MET A 215 -24.10 18.86 -12.89
CA MET A 215 -25.39 19.39 -13.32
C MET A 215 -25.74 18.89 -14.71
N THR A 216 -24.75 18.59 -15.55
CA THR A 216 -25.00 18.25 -16.94
C THR A 216 -25.03 16.75 -17.22
N GLN A 217 -24.28 15.95 -16.47
CA GLN A 217 -24.09 14.55 -16.81
C GLN A 217 -24.82 13.57 -15.89
N THR A 218 -25.55 14.06 -14.88
CA THR A 218 -26.25 13.19 -13.95
C THR A 218 -27.77 13.37 -14.02
N ASN A 219 -28.49 12.38 -13.46
CA ASN A 219 -29.95 12.34 -13.44
C ASN A 219 -30.53 12.93 -12.15
N ALA A 220 -29.77 13.81 -11.49
CA ALA A 220 -30.27 14.59 -10.37
C ALA A 220 -30.17 16.03 -10.85
N ARG A 221 -31.30 16.71 -10.89
CA ARG A 221 -31.38 18.08 -11.39
C ARG A 221 -31.27 19.12 -10.29
N GLY A 222 -30.45 20.14 -10.53
CA GLY A 222 -30.26 21.18 -9.54
C GLY A 222 -28.81 21.60 -9.50
N ASP A 223 -28.53 22.74 -8.83
CA ASP A 223 -27.18 23.29 -8.74
C ASP A 223 -26.57 23.24 -7.34
N LYS A 224 -27.24 22.60 -6.36
CA LYS A 224 -26.62 22.42 -5.05
C LYS A 224 -26.96 21.04 -4.49
N ALA A 225 -26.05 20.49 -3.68
CA ALA A 225 -26.26 19.22 -3.01
C ALA A 225 -26.38 19.50 -1.52
N GLU A 226 -27.48 19.07 -0.92
CA GLU A 226 -27.77 19.42 0.47
C GLU A 226 -28.25 18.19 1.22
N ALA A 227 -28.00 18.18 2.53
CA ALA A 227 -28.42 17.07 3.36
C ALA A 227 -28.59 17.55 4.79
N TRP A 228 -29.41 16.82 5.53
CA TRP A 228 -29.62 17.11 6.93
C TRP A 228 -30.03 15.83 7.63
N THR A 229 -29.73 15.75 8.91
CA THR A 229 -30.01 14.54 9.65
C THR A 229 -30.17 14.90 11.11
N ALA A 230 -30.95 14.09 11.82
CA ALA A 230 -31.01 14.17 13.26
C ALA A 230 -31.12 12.75 13.76
N GLY A 231 -30.69 12.54 15.01
CA GLY A 231 -30.79 11.22 15.58
C GLY A 231 -30.73 11.28 17.09
N LEU A 232 -31.20 10.21 17.71
CA LEU A 232 -31.24 10.08 19.16
C LEU A 232 -30.69 8.72 19.55
N LYS A 233 -30.05 8.65 20.73
CA LYS A 233 -29.55 7.37 21.21
C LYS A 233 -29.75 7.22 22.70
N TYR A 234 -30.03 5.99 23.10
CA TYR A 234 -30.05 5.58 24.50
C TYR A 234 -28.88 4.63 24.73
N ASP A 235 -27.95 5.03 25.59
CA ASP A 235 -26.72 4.28 25.81
C ASP A 235 -26.50 4.27 27.31
N ALA A 236 -27.08 3.27 27.97
CA ALA A 236 -27.02 3.06 29.40
C ALA A 236 -27.66 1.72 29.67
N ASN A 237 -27.44 1.21 30.88
CA ASN A 237 -28.07 -0.03 31.34
C ASN A 237 -27.98 -1.17 30.31
N ASP A 238 -26.77 -1.39 29.78
CA ASP A 238 -26.51 -2.50 28.86
C ASP A 238 -27.44 -2.48 27.65
N ILE A 239 -28.06 -1.35 27.39
CA ILE A 239 -28.92 -1.19 26.25
C ILE A 239 -28.30 -0.09 25.39
N TYR A 240 -28.26 -0.33 24.11
CA TYR A 240 -27.80 0.67 23.16
C TYR A 240 -28.90 0.77 22.11
N LEU A 241 -29.60 1.89 22.14
CA LEU A 241 -30.64 2.16 21.18
C LEU A 241 -30.21 3.38 20.41
N ALA A 242 -30.21 3.30 19.09
CA ALA A 242 -29.94 4.50 18.33
C ALA A 242 -30.82 4.47 17.12
N THR A 243 -31.42 5.63 16.83
CA THR A 243 -32.16 5.88 15.61
C THR A 243 -31.61 7.15 14.98
N MET A 244 -31.92 7.30 13.69
CA MET A 244 -31.57 8.50 12.96
C MET A 244 -32.52 8.59 11.79
N TYR A 245 -32.88 9.82 11.46
CA TYR A 245 -33.61 10.14 10.24
C TYR A 245 -32.79 11.19 9.52
N SER A 246 -32.79 11.12 8.20
CA SER A 246 -31.96 12.00 7.39
C SER A 246 -32.64 12.27 6.06
N GLU A 247 -32.25 13.36 5.42
CA GLU A 247 -32.72 13.72 4.09
C GLU A 247 -31.58 14.33 3.30
N THR A 248 -31.53 14.01 2.00
CA THR A 248 -30.50 14.50 1.10
C THR A 248 -31.14 15.02 -0.18
N ARG A 249 -30.46 15.98 -0.80
CA ARG A 249 -30.94 16.59 -2.02
C ARG A 249 -29.84 16.59 -3.07
N ASN A 250 -30.11 15.93 -4.20
CA ASN A 250 -29.25 15.94 -5.38
C ASN A 250 -27.82 15.48 -5.07
N MET A 251 -27.66 14.56 -4.12
CA MET A 251 -26.32 14.19 -3.71
C MET A 251 -26.15 12.69 -3.62
N THR A 252 -27.11 12.00 -3.00
CA THR A 252 -26.91 10.59 -2.70
C THR A 252 -26.90 9.78 -3.99
N PRO A 253 -25.91 8.91 -4.19
CA PRO A 253 -25.89 8.05 -5.37
C PRO A 253 -26.56 6.71 -5.09
N TYR A 254 -26.83 6.00 -6.18
CA TYR A 254 -27.40 4.67 -6.12
C TYR A 254 -27.05 3.97 -7.42
N GLY A 255 -26.86 2.66 -7.34
CA GLY A 255 -26.62 1.93 -8.58
C GLY A 255 -25.35 2.28 -9.35
N ASN A 256 -25.36 1.84 -10.62
CA ASN A 256 -24.20 1.99 -11.50
C ASN A 256 -24.01 3.45 -11.94
N ASP A 257 -25.10 4.16 -12.19
CA ASP A 257 -25.03 5.49 -12.76
C ASP A 257 -26.24 6.29 -12.27
N GLY A 258 -26.32 6.47 -10.95
CA GLY A 258 -27.48 7.14 -10.42
C GLY A 258 -27.21 8.15 -9.34
N VAL A 259 -27.95 9.24 -9.40
CA VAL A 259 -27.99 10.27 -8.38
C VAL A 259 -29.47 10.49 -8.04
N ALA A 260 -29.79 10.50 -6.75
CA ALA A 260 -31.17 10.69 -6.31
C ALA A 260 -31.42 12.17 -6.05
N ASN A 261 -32.47 12.71 -6.69
CA ASN A 261 -32.84 14.10 -6.44
C ASN A 261 -33.27 14.33 -5.01
N LYS A 262 -33.88 13.34 -4.37
CA LYS A 262 -34.14 13.43 -2.94
C LYS A 262 -34.13 12.06 -2.33
N THR A 263 -33.69 11.97 -1.07
CA THR A 263 -33.74 10.72 -0.33
C THR A 263 -34.33 10.93 1.05
N GLN A 264 -35.10 9.95 1.50
CA GLN A 264 -35.59 9.91 2.87
C GLN A 264 -34.96 8.68 3.51
N ASN A 265 -34.31 8.88 4.64
CA ASN A 265 -33.48 7.85 5.22
C ASN A 265 -33.83 7.69 6.67
N PHE A 266 -33.96 6.44 7.09
CA PHE A 266 -34.24 6.11 8.47
C PHE A 266 -33.43 4.88 8.83
N GLU A 267 -32.85 4.90 10.03
CA GLU A 267 -32.11 3.76 10.57
C GLU A 267 -32.47 3.61 12.03
N VAL A 268 -32.47 2.37 12.51
CA VAL A 268 -32.61 2.07 13.93
C VAL A 268 -31.82 0.81 14.22
N THR A 269 -31.16 0.79 15.38
CA THR A 269 -30.46 -0.40 15.85
C THR A 269 -30.71 -0.58 17.35
N ALA A 270 -31.13 -1.78 17.75
CA ALA A 270 -31.45 -2.04 19.14
C ALA A 270 -30.53 -3.14 19.62
N GLN A 271 -29.77 -2.85 20.67
CA GLN A 271 -28.76 -3.79 21.12
C GLN A 271 -28.85 -3.98 22.62
N TYR A 272 -28.53 -5.20 23.04
CA TYR A 272 -28.32 -5.54 24.44
C TYR A 272 -26.94 -6.18 24.55
N GLN A 273 -26.27 -5.92 25.67
CA GLN A 273 -24.95 -6.41 25.95
C GLN A 273 -25.00 -7.27 27.21
N PHE A 274 -24.93 -8.58 27.06
CA PHE A 274 -24.90 -9.44 28.25
C PHE A 274 -23.56 -9.30 28.96
N ASP A 275 -23.60 -9.49 30.28
CA ASP A 275 -22.37 -9.36 31.07
C ASP A 275 -21.29 -10.36 30.65
N PHE A 276 -21.69 -11.52 30.11
CA PHE A 276 -20.73 -12.55 29.73
C PHE A 276 -20.18 -12.39 28.32
N GLY A 277 -20.54 -11.32 27.61
CA GLY A 277 -19.82 -10.92 26.40
C GLY A 277 -20.62 -10.94 25.12
N LEU A 278 -21.82 -11.53 25.09
CA LEU A 278 -22.62 -11.61 23.87
C LEU A 278 -23.43 -10.34 23.72
N ARG A 279 -23.48 -9.83 22.49
CA ARG A 279 -24.19 -8.59 22.20
C ARG A 279 -24.98 -8.81 20.92
N PRO A 280 -26.23 -9.29 21.02
CA PRO A 280 -27.08 -9.36 19.84
C PRO A 280 -27.50 -7.96 19.45
N ALA A 281 -27.84 -7.80 18.18
CA ALA A 281 -28.28 -6.50 17.70
C ALA A 281 -29.27 -6.72 16.56
N ILE A 282 -30.48 -6.16 16.72
CA ILE A 282 -31.55 -6.17 15.71
C ILE A 282 -31.67 -4.76 15.16
N SER A 283 -31.73 -4.63 13.83
CA SER A 283 -31.74 -3.31 13.21
C SER A 283 -32.55 -3.29 11.92
N TYR A 284 -32.94 -2.08 11.53
CA TYR A 284 -33.70 -1.80 10.32
C TYR A 284 -33.12 -0.56 9.68
N LEU A 285 -32.99 -0.58 8.36
CA LEU A 285 -32.43 0.53 7.61
C LEU A 285 -33.22 0.74 6.32
N GLN A 286 -33.59 1.99 6.04
CA GLN A 286 -34.26 2.28 4.78
C GLN A 286 -33.85 3.64 4.22
N SER A 287 -33.74 3.68 2.90
CA SER A 287 -33.59 4.91 2.14
C SER A 287 -34.62 4.85 1.03
N LYS A 288 -35.56 5.80 1.06
CA LYS A 288 -36.60 5.91 0.06
C LYS A 288 -36.11 6.88 -0.99
N GLY A 289 -35.82 6.37 -2.18
CA GLY A 289 -35.48 7.25 -3.28
C GLY A 289 -36.73 7.94 -3.81
N LYS A 290 -36.54 9.14 -4.34
CA LYS A 290 -37.63 9.96 -4.84
C LYS A 290 -37.18 10.72 -6.07
N ASP A 291 -38.10 10.90 -7.01
CA ASP A 291 -37.88 11.70 -8.22
C ASP A 291 -36.66 11.20 -8.99
N LEU A 292 -36.54 9.88 -9.08
CA LEU A 292 -35.45 9.26 -9.82
C LEU A 292 -35.70 9.37 -11.32
N TYR A 293 -34.83 10.11 -12.00
CA TYR A 293 -34.94 10.33 -13.44
C TYR A 293 -34.16 9.16 -14.08
N ASN A 294 -34.82 8.00 -14.14
CA ASN A 294 -34.14 6.75 -14.48
C ASN A 294 -34.23 6.42 -15.97
N ASN A 295 -35.35 6.72 -16.61
CA ASN A 295 -35.54 6.39 -18.02
C ASN A 295 -36.27 7.52 -18.71
N GLY A 296 -35.93 8.77 -18.36
CA GLY A 296 -36.69 9.88 -18.87
C GLY A 296 -37.95 10.12 -18.08
N ARG A 297 -38.19 9.33 -17.04
CA ARG A 297 -39.39 9.42 -16.22
C ARG A 297 -38.99 9.42 -14.75
N TYR A 298 -39.78 10.12 -13.93
CA TYR A 298 -39.51 10.16 -12.50
C TYR A 298 -40.13 8.95 -11.82
N ALA A 299 -39.51 8.53 -10.73
CA ALA A 299 -39.97 7.35 -10.02
C ALA A 299 -39.53 7.45 -8.57
N ASP A 300 -40.29 6.78 -7.71
CA ASP A 300 -39.97 6.65 -6.29
C ASP A 300 -39.70 5.19 -5.99
N LYS A 301 -38.47 4.88 -5.59
CA LYS A 301 -38.06 3.52 -5.29
C LYS A 301 -37.31 3.47 -3.98
N ASP A 302 -37.49 2.38 -3.25
CA ASP A 302 -36.59 2.09 -2.15
C ASP A 302 -35.20 1.82 -2.74
N LEU A 303 -34.21 2.62 -2.34
CA LEU A 303 -32.83 2.46 -2.77
C LEU A 303 -32.08 1.47 -1.89
N VAL A 304 -32.37 1.51 -0.59
CA VAL A 304 -31.81 0.62 0.42
C VAL A 304 -32.94 0.32 1.37
N LYS A 305 -33.16 -0.95 1.69
CA LYS A 305 -34.22 -1.28 2.61
C LYS A 305 -34.01 -2.69 3.12
N TYR A 306 -33.56 -2.84 4.35
CA TYR A 306 -33.31 -4.18 4.85
C TYR A 306 -33.33 -4.20 6.37
N MET A 307 -33.56 -5.39 6.90
CA MET A 307 -33.44 -5.67 8.32
C MET A 307 -32.22 -6.54 8.57
N ASP A 308 -31.63 -6.37 9.75
CA ASP A 308 -30.46 -7.12 10.11
C ASP A 308 -30.63 -7.70 11.49
N VAL A 309 -30.20 -8.95 11.66
CA VAL A 309 -30.12 -9.56 12.97
C VAL A 309 -28.73 -10.16 13.07
N GLY A 310 -28.07 -9.97 14.19
CA GLY A 310 -26.74 -10.52 14.33
C GLY A 310 -26.22 -10.29 15.72
N ALA A 311 -25.11 -10.96 16.01
CA ALA A 311 -24.51 -10.82 17.31
C ALA A 311 -23.01 -10.75 17.16
N THR A 312 -22.38 -10.06 18.10
CA THR A 312 -20.94 -9.99 18.23
C THR A 312 -20.63 -10.52 19.62
N TYR A 313 -19.63 -11.39 19.70
CA TYR A 313 -19.19 -11.92 20.98
C TYR A 313 -17.77 -11.42 21.24
N TYR A 314 -17.60 -10.75 22.38
CA TYR A 314 -16.34 -10.11 22.74
C TYR A 314 -15.61 -11.02 23.72
N PHE A 315 -14.52 -11.63 23.25
CA PHE A 315 -13.63 -12.36 24.15
C PHE A 315 -12.99 -11.42 25.15
N ASN A 316 -12.48 -10.30 24.67
CA ASN A 316 -11.88 -9.25 25.47
C ASN A 316 -11.75 -8.04 24.56
N ARG A 317 -11.09 -7.01 25.06
CA ARG A 317 -10.93 -5.77 24.31
C ARG A 317 -10.17 -5.96 23.00
N ASN A 318 -9.47 -7.08 22.82
CA ASN A 318 -8.62 -7.27 21.66
C ASN A 318 -9.12 -8.33 20.68
N MET A 319 -10.12 -9.12 21.05
CA MET A 319 -10.61 -10.16 20.17
C MET A 319 -12.13 -10.30 20.22
N SER A 320 -12.72 -10.57 19.08
CA SER A 320 -14.17 -10.67 19.00
C SER A 320 -14.51 -11.47 17.76
N THR A 321 -15.66 -12.12 17.79
CA THR A 321 -16.16 -12.85 16.64
C THR A 321 -17.65 -12.59 16.52
N TYR A 322 -18.15 -12.65 15.32
CA TYR A 322 -19.53 -12.35 15.12
C TYR A 322 -20.17 -12.96 13.96
N VAL A 323 -21.49 -12.85 13.96
CA VAL A 323 -22.34 -13.28 12.86
C VAL A 323 -23.30 -12.14 12.57
N ASP A 324 -23.50 -11.83 11.30
CA ASP A 324 -24.43 -10.82 10.90
C ASP A 324 -25.30 -11.28 9.78
N TYR A 325 -26.59 -11.26 9.98
CA TYR A 325 -27.53 -11.75 8.99
C TYR A 325 -28.33 -10.56 8.49
N LYS A 326 -28.08 -10.17 7.24
CA LYS A 326 -28.76 -9.07 6.60
C LYS A 326 -29.88 -9.62 5.73
N ILE A 327 -31.12 -9.24 6.08
CA ILE A 327 -32.33 -9.68 5.37
C ILE A 327 -32.78 -8.51 4.48
N ASN A 328 -32.60 -8.64 3.18
CA ASN A 328 -32.84 -7.55 2.25
C ASN A 328 -34.31 -7.48 1.84
N LEU A 329 -34.91 -6.30 1.96
CA LEU A 329 -36.34 -6.13 1.66
C LEU A 329 -36.63 -5.52 0.30
N LEU A 330 -35.61 -5.24 -0.51
CA LEU A 330 -35.88 -4.59 -1.77
C LEU A 330 -36.65 -5.51 -2.71
N ASP A 331 -37.39 -4.89 -3.63
CA ASP A 331 -38.31 -5.60 -4.50
C ASP A 331 -37.51 -6.43 -5.50
N GLY A 332 -37.47 -7.75 -5.27
CA GLY A 332 -36.67 -8.59 -6.16
C GLY A 332 -37.20 -8.66 -7.57
N ASN A 333 -38.51 -8.59 -7.76
CA ASN A 333 -39.10 -8.62 -9.09
C ASN A 333 -39.30 -7.19 -9.62
N ASP A 334 -38.21 -6.43 -9.63
CA ASP A 334 -38.25 -5.06 -10.13
C ASP A 334 -37.08 -4.84 -11.07
N LYS A 335 -37.37 -4.54 -12.34
CA LYS A 335 -36.28 -4.33 -13.29
C LYS A 335 -35.44 -3.12 -12.93
N PHE A 336 -35.97 -2.20 -12.10
CA PHE A 336 -35.21 -1.04 -11.64
C PHE A 336 -33.87 -1.44 -11.01
N TYR A 337 -33.88 -2.49 -10.19
CA TYR A 337 -32.67 -2.87 -9.47
C TYR A 337 -31.61 -3.41 -10.42
N GLU A 338 -31.93 -4.45 -11.19
CA GLU A 338 -30.97 -4.95 -12.17
C GLU A 338 -30.61 -3.88 -13.19
N ASP A 339 -31.59 -3.10 -13.66
CA ASP A 339 -31.30 -2.05 -14.65
C ASP A 339 -30.35 -1.01 -14.10
N ASN A 340 -30.49 -0.64 -12.84
CA ASN A 340 -29.54 0.28 -12.23
C ASN A 340 -28.40 -0.44 -11.53
N GLY A 341 -28.45 -1.78 -11.47
CA GLY A 341 -27.42 -2.59 -10.87
C GLY A 341 -27.40 -2.70 -9.36
N ILE A 342 -28.50 -2.36 -8.69
CA ILE A 342 -28.59 -2.47 -7.24
C ILE A 342 -29.02 -3.89 -6.86
N SER A 343 -28.20 -4.57 -6.06
CA SER A 343 -28.50 -5.94 -5.68
C SER A 343 -29.69 -6.01 -4.72
N THR A 344 -30.43 -7.13 -4.80
CA THR A 344 -31.58 -7.40 -3.93
C THR A 344 -31.39 -8.51 -2.90
N ASP A 345 -30.30 -9.25 -2.94
CA ASP A 345 -30.18 -10.47 -2.16
C ASP A 345 -29.70 -10.22 -0.73
N ASN A 346 -29.87 -11.24 0.11
CA ASN A 346 -29.41 -11.25 1.51
C ASN A 346 -27.93 -11.63 1.57
N ILE A 347 -27.31 -11.34 2.72
CA ILE A 347 -25.94 -11.74 3.02
C ILE A 347 -25.88 -12.24 4.45
N VAL A 348 -25.05 -13.27 4.70
CA VAL A 348 -24.74 -13.71 6.05
C VAL A 348 -23.24 -13.62 6.25
N ALA A 349 -22.83 -12.98 7.31
CA ALA A 349 -21.44 -12.80 7.56
C ALA A 349 -20.97 -13.50 8.77
N LEU A 350 -19.78 -14.06 8.66
CA LEU A 350 -19.10 -14.73 9.76
C LEU A 350 -17.71 -14.14 9.86
N GLY A 351 -17.36 -13.64 11.03
CA GLY A 351 -16.17 -12.86 11.17
C GLY A 351 -15.49 -13.19 12.47
N LEU A 352 -14.16 -13.19 12.44
CA LEU A 352 -13.33 -13.38 13.63
C LEU A 352 -12.23 -12.33 13.54
N VAL A 353 -12.12 -11.50 14.58
CA VAL A 353 -11.48 -10.19 14.49
C VAL A 353 -10.46 -10.07 15.61
N TYR A 354 -9.22 -9.75 15.25
CA TYR A 354 -8.21 -9.34 16.21
C TYR A 354 -8.03 -7.84 16.10
N GLN A 355 -7.95 -7.15 17.25
CA GLN A 355 -7.85 -5.70 17.32
C GLN A 355 -6.70 -5.29 18.21
N PHE A 356 -6.13 -4.12 17.95
CA PHE A 356 -5.03 -3.65 18.78
C PHE A 356 -4.97 -2.13 18.82
N ALA B 4 11.09 8.18 15.95
CA ALA B 4 10.35 7.58 17.06
C ALA B 4 10.87 6.16 17.32
N GLU B 5 11.78 6.03 18.29
CA GLU B 5 12.42 4.75 18.56
C GLU B 5 11.49 3.83 19.33
N ILE B 6 11.16 2.70 18.72
CA ILE B 6 10.19 1.77 19.28
C ILE B 6 10.79 0.43 19.67
N TYR B 7 12.02 0.16 19.28
CA TYR B 7 12.69 -1.09 19.62
C TYR B 7 14.16 -0.81 19.89
N ASN B 8 14.70 -1.46 20.92
CA ASN B 8 16.13 -1.46 21.21
C ASN B 8 16.51 -2.60 22.16
N LYS B 9 16.51 -3.83 21.65
CA LYS B 9 16.77 -5.02 22.44
C LYS B 9 17.64 -6.00 21.65
N ASP B 10 18.60 -6.61 22.35
CA ASP B 10 19.47 -7.66 21.79
C ASP B 10 20.16 -7.19 20.50
N GLY B 11 20.75 -5.99 20.58
CA GLY B 11 21.53 -5.45 19.49
C GLY B 11 20.81 -5.01 18.24
N ASN B 12 19.50 -4.71 18.31
CA ASN B 12 18.76 -4.16 17.17
C ASN B 12 17.95 -2.92 17.59
N LYS B 13 17.98 -1.89 16.74
CA LYS B 13 17.25 -0.64 16.96
C LYS B 13 16.30 -0.39 15.79
N LEU B 14 15.03 -0.10 16.06
CA LEU B 14 14.06 0.16 15.00
C LEU B 14 13.22 1.40 15.28
N ASP B 15 13.30 2.40 14.39
CA ASP B 15 12.51 3.62 14.51
C ASP B 15 11.45 3.69 13.43
N LEU B 16 10.21 3.94 13.83
CA LEU B 16 9.18 4.30 12.86
C LEU B 16 9.25 5.81 12.67
N TYR B 17 9.01 6.26 11.45
CA TYR B 17 8.99 7.69 11.21
C TYR B 17 8.05 8.00 10.07
N GLY B 18 7.57 9.23 10.07
CA GLY B 18 6.75 9.70 8.97
C GLY B 18 6.07 10.99 9.35
N LYS B 19 5.15 11.41 8.49
CA LYS B 19 4.46 12.65 8.71
C LYS B 19 3.05 12.56 8.12
N VAL B 20 2.18 13.49 8.54
CA VAL B 20 0.90 13.70 7.87
C VAL B 20 0.81 15.17 7.51
N ASP B 21 0.63 15.46 6.24
CA ASP B 21 0.60 16.83 5.71
C ASP B 21 -0.80 17.13 5.19
N GLY B 22 -1.57 17.93 5.93
CA GLY B 22 -2.83 18.43 5.41
C GLY B 22 -2.48 19.59 4.50
N LEU B 23 -2.62 19.40 3.19
CA LEU B 23 -2.04 20.29 2.20
C LEU B 23 -3.05 20.69 1.14
N HIS B 24 -3.16 22.00 0.87
CA HIS B 24 -4.05 22.52 -0.16
C HIS B 24 -3.28 23.48 -1.08
N TYR B 25 -3.58 23.37 -2.37
CA TYR B 25 -3.01 24.21 -3.42
C TYR B 25 -4.10 25.11 -3.99
N PHE B 26 -3.80 26.40 -4.15
CA PHE B 26 -4.69 27.37 -4.76
C PHE B 26 -4.05 27.83 -6.08
N SER B 27 -4.64 27.45 -7.21
CA SER B 27 -4.03 27.80 -8.49
C SER B 27 -5.02 27.68 -9.63
N SER B 28 -4.82 28.51 -10.65
CA SER B 28 -5.63 28.36 -11.84
C SER B 28 -5.16 27.20 -12.71
N ASP B 29 -3.98 26.62 -12.46
CA ASP B 29 -3.68 25.39 -13.18
C ASP B 29 -4.47 24.26 -12.52
N SER B 30 -5.46 23.74 -13.26
CA SER B 30 -6.48 22.82 -12.77
C SER B 30 -5.97 21.42 -12.57
N LYS B 31 -4.78 21.11 -13.07
CA LYS B 31 -4.23 19.80 -12.79
C LYS B 31 -3.45 19.75 -11.49
N LYS B 32 -3.20 20.91 -10.86
CA LYS B 32 -2.54 20.96 -9.56
C LYS B 32 -3.36 21.65 -8.47
N ASP B 33 -4.33 22.49 -8.82
CA ASP B 33 -5.15 23.18 -7.81
C ASP B 33 -5.92 22.18 -6.97
N GLY B 34 -6.10 22.52 -5.69
CA GLY B 34 -6.99 21.71 -4.89
C GLY B 34 -6.33 21.04 -3.69
N ASP B 35 -6.97 19.98 -3.21
CA ASP B 35 -6.41 19.19 -2.11
C ASP B 35 -5.14 18.46 -2.54
N GLN B 36 -4.16 18.41 -1.62
CA GLN B 36 -2.90 17.70 -1.86
C GLN B 36 -2.47 16.88 -0.64
N THR B 37 -3.41 16.46 0.21
CA THR B 37 -3.08 15.77 1.44
C THR B 37 -2.41 14.43 1.17
N TYR B 38 -1.27 14.20 1.82
CA TYR B 38 -0.50 12.96 1.71
C TYR B 38 0.15 12.67 3.05
N LEU B 39 0.68 11.46 3.18
CA LEU B 39 1.41 11.09 4.38
C LEU B 39 2.55 10.17 3.99
N ARG B 40 3.57 10.15 4.83
CA ARG B 40 4.72 9.29 4.68
C ARG B 40 4.79 8.40 5.91
N PHE B 41 4.99 7.12 5.67
CA PHE B 41 5.21 6.13 6.71
C PHE B 41 6.41 5.30 6.28
N GLY B 42 7.24 4.94 7.25
CA GLY B 42 8.40 4.12 6.96
C GLY B 42 9.12 3.85 8.25
N PHE B 43 10.28 3.17 8.11
CA PHE B 43 11.10 2.86 9.27
C PHE B 43 12.57 3.04 8.95
N LYS B 44 13.35 3.12 10.03
CA LYS B 44 14.80 3.11 10.01
C LYS B 44 15.21 2.06 11.02
N GLY B 45 15.99 1.09 10.56
CA GLY B 45 16.46 0.00 11.42
C GLY B 45 17.98 -0.06 11.37
N GLU B 46 18.57 -0.39 12.51
CA GLU B 46 20.02 -0.41 12.66
C GLU B 46 20.38 -1.48 13.68
N THR B 47 21.31 -2.36 13.32
CA THR B 47 21.69 -3.46 14.20
C THR B 47 23.20 -3.43 14.44
N GLN B 48 23.61 -3.67 15.67
CA GLN B 48 25.02 -3.66 16.05
C GLN B 48 25.61 -5.06 15.82
N ILE B 49 26.28 -5.25 14.69
CA ILE B 49 26.92 -6.53 14.42
C ILE B 49 28.08 -6.75 15.39
N ASN B 50 29.02 -5.79 15.46
CA ASN B 50 30.07 -5.78 16.48
C ASN B 50 30.62 -4.35 16.56
N ASP B 51 31.73 -4.18 17.31
CA ASP B 51 32.21 -2.84 17.66
C ASP B 51 32.57 -1.97 16.45
N MET B 52 32.85 -2.56 15.29
CA MET B 52 33.15 -1.77 14.10
C MET B 52 32.21 -2.04 12.94
N LEU B 53 31.11 -2.75 13.16
CA LEU B 53 30.23 -3.12 12.06
C LEU B 53 28.78 -2.84 12.42
N THR B 54 28.04 -2.26 11.48
CA THR B 54 26.64 -1.98 11.71
C THR B 54 25.86 -2.26 10.44
N GLY B 55 24.70 -2.89 10.60
CA GLY B 55 23.75 -3.10 9.52
C GLY B 55 22.56 -2.16 9.66
N TYR B 56 22.00 -1.77 8.52
CA TYR B 56 20.87 -0.87 8.58
C TYR B 56 19.94 -1.13 7.40
N GLY B 57 18.65 -0.86 7.62
CA GLY B 57 17.67 -0.89 6.53
C GLY B 57 16.70 0.26 6.69
N GLN B 58 16.17 0.71 5.55
CA GLN B 58 15.32 1.89 5.55
C GLN B 58 14.21 1.75 4.53
N TRP B 59 13.00 2.13 4.93
CA TRP B 59 11.83 2.14 4.04
C TRP B 59 11.15 3.49 4.15
N GLU B 60 10.77 4.07 3.03
CA GLU B 60 9.95 5.26 3.03
C GLU B 60 8.77 5.04 2.09
N TYR B 61 7.56 5.25 2.59
CA TYR B 61 6.38 5.01 1.79
C TYR B 61 5.71 6.35 1.54
N ASN B 62 5.19 6.51 0.34
CA ASN B 62 4.37 7.68 0.05
C ASN B 62 2.95 7.18 -0.14
N VAL B 63 2.03 7.75 0.62
CA VAL B 63 0.63 7.35 0.58
C VAL B 63 -0.19 8.60 0.34
N GLN B 64 -0.81 8.67 -0.83
CA GLN B 64 -1.71 9.78 -1.11
C GLN B 64 -3.02 9.53 -0.41
N ALA B 65 -3.60 10.59 0.14
CA ALA B 65 -4.92 10.56 0.75
C ALA B 65 -5.84 11.66 0.22
N ASN B 66 -5.58 12.15 -0.99
CA ASN B 66 -6.33 13.28 -1.53
C ASN B 66 -7.31 12.87 -2.62
N ASN B 67 -7.38 11.60 -2.97
CA ASN B 67 -8.34 11.03 -3.90
C ASN B 67 -9.19 10.01 -3.16
N THR B 68 -10.15 9.44 -3.89
CA THR B 68 -11.17 8.58 -3.32
C THR B 68 -10.67 7.16 -3.04
N GLU B 69 -11.39 6.49 -2.13
CA GLU B 69 -11.10 5.11 -1.74
C GLU B 69 -11.19 4.12 -2.90
N THR B 70 -11.64 4.55 -4.09
CA THR B 70 -11.62 3.70 -5.28
C THR B 70 -10.42 3.91 -6.21
N SER B 71 -9.72 5.04 -6.10
CA SER B 71 -8.62 5.37 -7.00
C SER B 71 -7.45 4.39 -6.90
N SER B 72 -6.65 4.35 -7.96
CA SER B 72 -5.50 3.46 -8.05
C SER B 72 -4.19 4.23 -7.95
N ASP B 73 -3.13 3.48 -7.65
CA ASP B 73 -1.75 3.99 -7.61
C ASP B 73 -1.65 5.24 -6.75
N GLN B 74 -2.25 5.18 -5.56
CA GLN B 74 -2.12 6.29 -4.63
C GLN B 74 -0.99 6.07 -3.64
N ALA B 75 -0.26 4.97 -3.75
CA ALA B 75 0.76 4.64 -2.78
C ALA B 75 1.95 4.11 -3.55
N TRP B 76 3.14 4.49 -3.13
CA TRP B 76 4.34 3.99 -3.79
C TRP B 76 5.53 4.17 -2.86
N THR B 77 6.60 3.46 -3.18
CA THR B 77 7.78 3.43 -2.33
C THR B 77 8.78 4.47 -2.79
N ARG B 78 9.27 5.26 -1.85
CA ARG B 78 10.25 6.30 -2.13
C ARG B 78 11.69 5.81 -1.99
N LEU B 79 11.97 5.11 -0.91
CA LEU B 79 13.30 4.64 -0.58
C LEU B 79 13.18 3.24 -0.01
N ALA B 80 14.15 2.36 -0.33
CA ALA B 80 14.20 1.02 0.26
C ALA B 80 15.59 0.41 0.05
N PHE B 81 16.38 0.35 1.12
CA PHE B 81 17.76 -0.11 0.97
C PHE B 81 18.21 -0.84 2.23
N ALA B 82 19.23 -1.69 2.03
CA ALA B 82 19.95 -2.36 3.11
C ALA B 82 21.43 -2.05 2.96
N GLY B 83 22.14 -2.03 4.09
CA GLY B 83 23.50 -1.54 4.01
C GLY B 83 24.34 -1.89 5.21
N ILE B 84 25.65 -1.62 5.07
CA ILE B 84 26.66 -1.88 6.09
C ILE B 84 27.50 -0.62 6.27
N LYS B 85 27.77 -0.26 7.51
CA LYS B 85 28.68 0.84 7.79
C LYS B 85 29.85 0.28 8.58
N VAL B 86 31.04 0.32 7.98
CA VAL B 86 32.25 -0.25 8.56
C VAL B 86 33.08 0.81 9.27
N GLY B 87 32.53 1.38 10.35
CA GLY B 87 33.28 2.35 11.13
C GLY B 87 33.74 3.53 10.27
N ASP B 88 35.07 3.70 10.20
CA ASP B 88 35.69 4.76 9.42
C ASP B 88 35.94 4.37 7.95
N TYR B 89 35.90 3.08 7.61
CA TYR B 89 36.11 2.74 6.20
C TYR B 89 34.98 3.24 5.31
N GLY B 90 33.80 3.56 5.86
CA GLY B 90 32.75 4.11 5.03
C GLY B 90 31.48 3.30 5.16
N SER B 91 30.60 3.49 4.17
CA SER B 91 29.31 2.83 4.14
C SER B 91 29.01 2.37 2.72
N PHE B 92 28.28 1.27 2.60
CA PHE B 92 27.78 0.81 1.30
C PHE B 92 26.37 0.30 1.45
N ASP B 93 25.47 0.76 0.58
CA ASP B 93 24.09 0.29 0.58
C ASP B 93 23.59 0.16 -0.83
N TYR B 94 22.55 -0.65 -1.01
CA TYR B 94 21.96 -0.87 -2.32
C TYR B 94 20.43 -0.91 -2.22
N GLY B 95 19.78 -0.49 -3.29
CA GLY B 95 18.34 -0.60 -3.41
C GLY B 95 17.76 0.65 -4.03
N ARG B 96 16.58 1.06 -3.58
CA ARG B 96 16.01 2.31 -4.06
C ARG B 96 16.50 3.40 -3.12
N ASN B 97 17.48 4.18 -3.56
CA ASN B 97 18.05 5.20 -2.72
C ASN B 97 18.26 6.47 -3.54
N TYR B 98 18.74 7.52 -2.87
CA TYR B 98 18.96 8.78 -3.56
C TYR B 98 20.20 8.72 -4.44
N GLY B 99 20.13 9.37 -5.61
CA GLY B 99 21.30 9.51 -6.45
C GLY B 99 22.25 10.55 -5.91
N VAL B 100 23.52 10.41 -6.30
CA VAL B 100 24.55 11.28 -5.74
C VAL B 100 24.39 12.72 -6.22
N LEU B 101 23.77 12.96 -7.39
CA LEU B 101 23.53 14.34 -7.80
C LEU B 101 22.78 15.10 -6.74
N TYR B 102 21.97 14.38 -5.97
CA TYR B 102 21.22 14.98 -4.89
C TYR B 102 22.09 15.35 -3.70
N ASP B 103 23.38 14.96 -3.72
CA ASP B 103 24.28 15.44 -2.68
C ASP B 103 24.42 16.95 -2.71
N VAL B 104 24.17 17.58 -3.85
CA VAL B 104 24.08 19.03 -3.92
C VAL B 104 22.63 19.52 -3.86
N GLU B 105 21.75 18.93 -4.66
CA GLU B 105 20.38 19.45 -4.80
C GLU B 105 19.63 19.49 -3.48
N GLY B 106 19.95 18.58 -2.55
CA GLY B 106 19.30 18.62 -1.25
C GLY B 106 19.56 19.93 -0.54
N TRP B 107 20.67 20.59 -0.86
CA TRP B 107 21.02 21.84 -0.23
C TRP B 107 20.06 22.95 -0.61
N THR B 108 19.62 22.97 -1.87
CA THR B 108 18.70 24.01 -2.33
C THR B 108 17.24 23.55 -2.35
N ASP B 109 16.98 22.27 -2.11
CA ASP B 109 15.64 21.72 -1.98
C ASP B 109 15.24 21.76 -0.51
N MET B 110 15.12 22.98 -0.01
CA MET B 110 14.91 23.21 1.42
C MET B 110 13.76 24.18 1.63
N LEU B 111 12.80 24.17 0.70
CA LEU B 111 11.66 25.08 0.66
C LEU B 111 10.52 24.56 1.55
N PRO B 112 9.57 25.45 1.90
CA PRO B 112 8.38 24.98 2.66
C PRO B 112 7.61 23.87 1.96
N GLU B 113 7.34 24.02 0.67
CA GLU B 113 6.57 23.02 -0.05
C GLU B 113 7.13 22.71 -1.43
N PHE B 114 7.39 23.75 -2.24
CA PHE B 114 7.86 23.62 -3.60
C PHE B 114 9.39 23.50 -3.61
N GLY B 115 10.01 23.74 -4.74
CA GLY B 115 11.47 23.72 -4.83
C GLY B 115 12.01 22.43 -5.40
N GLY B 116 13.35 22.37 -5.43
CA GLY B 116 14.07 21.15 -5.80
C GLY B 116 13.71 20.56 -7.14
N ASP B 117 13.23 21.38 -8.09
CA ASP B 117 12.75 20.83 -9.36
C ASP B 117 13.24 21.62 -10.56
N SER B 118 14.46 22.17 -10.49
CA SER B 118 15.05 22.74 -11.68
C SER B 118 15.42 21.64 -12.67
N TYR B 119 16.18 20.64 -12.22
CA TYR B 119 16.63 19.52 -13.05
C TYR B 119 16.37 18.16 -12.41
N THR B 120 15.97 18.12 -11.15
CA THR B 120 15.79 16.87 -10.43
C THR B 120 14.44 16.25 -10.78
N TYR B 121 14.46 15.00 -11.24
CA TYR B 121 13.25 14.23 -11.39
C TYR B 121 13.46 12.88 -10.74
N ALA B 122 12.38 12.30 -10.24
CA ALA B 122 12.48 10.98 -9.63
C ALA B 122 12.66 9.95 -10.73
N ASP B 123 13.42 8.89 -10.44
CA ASP B 123 13.67 7.83 -11.41
C ASP B 123 14.23 8.41 -12.71
N ASN B 124 15.16 9.35 -12.57
CA ASN B 124 15.81 10.00 -13.71
C ASN B 124 17.33 9.79 -13.59
N PHE B 125 17.78 8.57 -13.90
CA PHE B 125 19.17 8.15 -13.66
C PHE B 125 19.41 8.40 -12.16
N MET B 126 20.44 9.12 -11.76
CA MET B 126 20.68 9.44 -10.37
C MET B 126 20.48 10.92 -10.05
N ALA B 127 19.57 11.58 -10.79
CA ALA B 127 19.21 12.95 -10.45
C ALA B 127 18.55 13.02 -9.07
N GLY B 128 17.69 12.05 -8.76
CA GLY B 128 17.05 11.94 -7.46
C GLY B 128 17.01 10.51 -6.98
N ARG B 129 15.84 10.06 -6.54
CA ARG B 129 15.68 8.69 -6.11
C ARG B 129 15.66 7.78 -7.33
N ALA B 130 16.37 6.65 -7.23
CA ALA B 130 16.57 5.73 -8.35
C ALA B 130 16.51 4.29 -7.87
N ASN B 131 16.16 3.38 -8.79
CA ASN B 131 16.19 1.93 -8.56
C ASN B 131 17.58 1.38 -8.89
N GLY B 132 18.00 0.38 -8.12
CA GLY B 132 19.20 -0.39 -8.38
C GLY B 132 20.48 0.43 -8.34
N VAL B 133 20.62 1.23 -7.30
CA VAL B 133 21.79 2.06 -7.11
C VAL B 133 22.55 1.51 -5.92
N ALA B 134 23.84 1.29 -6.13
CA ALA B 134 24.76 0.92 -5.07
C ALA B 134 25.55 2.19 -4.76
N THR B 135 25.56 2.59 -3.50
CA THR B 135 26.18 3.84 -3.11
C THR B 135 27.17 3.55 -2.01
N TYR B 136 28.45 3.85 -2.27
CA TYR B 136 29.49 3.82 -1.24
C TYR B 136 29.79 5.25 -0.80
N ARG B 137 29.81 5.46 0.50
CA ARG B 137 30.06 6.77 1.07
C ARG B 137 31.13 6.65 2.13
N ASN B 138 31.91 7.72 2.32
CA ASN B 138 32.93 7.76 3.36
C ASN B 138 32.86 9.15 3.96
N SER B 139 32.62 9.23 5.26
CA SER B 139 32.11 10.47 5.80
C SER B 139 33.18 11.42 6.30
N ASP B 140 34.41 10.95 6.49
CA ASP B 140 35.45 11.89 6.93
C ASP B 140 36.79 11.54 6.30
N PHE B 141 36.74 10.93 5.13
CA PHE B 141 37.92 10.45 4.44
C PHE B 141 38.75 9.59 5.38
N PHE B 142 38.16 8.47 5.81
CA PHE B 142 38.81 7.47 6.64
C PHE B 142 39.33 8.06 7.95
N GLY B 143 38.70 9.13 8.42
CA GLY B 143 39.12 9.73 9.66
C GLY B 143 40.31 10.66 9.55
N LEU B 144 40.85 10.83 8.34
CA LEU B 144 42.02 11.69 8.11
C LEU B 144 41.65 13.16 8.00
N VAL B 145 40.51 13.49 7.40
CA VAL B 145 40.15 14.88 7.12
C VAL B 145 38.71 15.10 7.55
N GLU B 146 38.53 15.91 8.60
CA GLU B 146 37.20 16.23 9.10
C GLU B 146 36.45 17.12 8.12
N GLY B 147 35.16 16.85 7.95
CA GLY B 147 34.30 17.66 7.12
C GLY B 147 34.26 17.29 5.66
N LEU B 148 35.11 16.37 5.21
CA LEU B 148 35.12 15.95 3.82
C LEU B 148 34.42 14.61 3.69
N ASN B 149 33.25 14.63 3.07
CA ASN B 149 32.54 13.41 2.68
C ASN B 149 32.76 13.21 1.20
N PHE B 150 32.84 11.95 0.79
CA PHE B 150 32.86 11.65 -0.63
C PHE B 150 32.02 10.41 -0.86
N ALA B 151 31.46 10.28 -2.07
CA ALA B 151 30.61 9.13 -2.38
C ALA B 151 30.91 8.57 -3.76
N LEU B 152 30.98 7.25 -3.83
CA LEU B 152 31.05 6.54 -5.10
C LEU B 152 29.76 5.73 -5.25
N GLN B 153 29.17 5.79 -6.44
CA GLN B 153 27.83 5.27 -6.68
C GLN B 153 27.79 4.57 -8.03
N TYR B 154 27.02 3.49 -8.10
CA TYR B 154 26.83 2.74 -9.34
C TYR B 154 25.36 2.40 -9.50
N GLN B 155 24.81 2.63 -10.68
CA GLN B 155 23.41 2.30 -10.98
C GLN B 155 23.34 1.37 -12.19
N GLY B 156 22.78 0.17 -11.98
CA GLY B 156 22.60 -0.75 -13.07
C GLY B 156 21.44 -0.38 -14.00
N LYS B 157 21.46 -1.02 -15.18
CA LYS B 157 20.52 -0.74 -16.25
C LYS B 157 19.07 -0.88 -15.79
N ASN B 158 18.25 0.10 -16.18
CA ASN B 158 16.80 0.09 -15.93
C ASN B 158 16.09 0.40 -17.25
N GLU B 159 15.79 -0.62 -18.04
CA GLU B 159 15.17 -0.40 -19.34
C GLU B 159 13.96 -1.31 -19.53
N GLY B 160 12.94 -0.75 -20.20
CA GLY B 160 11.73 -1.48 -20.50
C GLY B 160 11.84 -2.35 -21.73
N GLN B 161 11.03 -3.40 -21.75
CA GLN B 161 10.96 -4.38 -22.81
C GLN B 161 10.47 -3.76 -24.13
N ASN B 162 10.57 -4.57 -25.19
CA ASN B 162 9.95 -4.28 -26.48
C ASN B 162 8.78 -5.24 -26.66
N ALA B 163 7.68 -4.73 -27.22
CA ALA B 163 6.41 -5.46 -27.32
C ALA B 163 6.52 -6.84 -27.97
N GLN B 164 7.51 -7.05 -28.82
CA GLN B 164 7.69 -8.32 -29.53
C GLN B 164 9.13 -8.80 -29.64
N ASP B 165 10.11 -8.03 -29.14
CA ASP B 165 11.50 -8.45 -29.06
C ASP B 165 11.82 -8.82 -27.61
N ILE B 166 12.38 -10.01 -27.40
CA ILE B 166 12.61 -10.51 -26.06
C ILE B 166 14.02 -10.15 -25.58
N ASN B 167 14.72 -9.31 -26.36
CA ASN B 167 16.04 -8.70 -26.08
C ASN B 167 16.02 -7.30 -25.51
N VAL B 168 14.89 -6.73 -25.21
CA VAL B 168 14.87 -5.40 -24.62
C VAL B 168 14.39 -5.51 -23.19
N GLY B 169 15.03 -4.75 -22.31
CA GLY B 169 14.46 -4.41 -21.02
C GLY B 169 15.05 -5.15 -19.82
N THR B 170 14.49 -4.75 -18.69
CA THR B 170 14.83 -5.24 -17.36
C THR B 170 13.57 -5.87 -16.78
N ASN B 171 13.76 -6.58 -15.66
CA ASN B 171 12.61 -7.09 -14.93
C ASN B 171 11.76 -5.95 -14.37
N ASN B 172 12.39 -4.83 -14.02
CA ASN B 172 11.73 -3.82 -13.20
C ASN B 172 11.25 -2.62 -14.00
N ARG B 173 11.09 -2.76 -15.32
CA ARG B 173 10.50 -1.68 -16.10
C ARG B 173 9.61 -2.25 -17.19
N SER B 174 8.32 -1.95 -17.14
CA SER B 174 7.51 -2.52 -18.19
C SER B 174 7.60 -1.63 -19.42
N SER B 175 7.20 -2.19 -20.56
CA SER B 175 7.29 -1.49 -21.84
C SER B 175 6.51 -0.17 -21.83
N ASP B 176 5.35 -0.13 -21.15
CA ASP B 176 4.58 1.11 -21.15
C ASP B 176 5.05 2.10 -20.10
N SER B 177 6.28 1.91 -19.60
CA SER B 177 6.96 2.93 -18.81
C SER B 177 7.41 4.05 -19.75
N ASP B 178 7.45 5.26 -19.23
CA ASP B 178 8.06 6.36 -19.98
C ASP B 178 9.55 6.12 -20.11
N VAL B 179 10.04 6.06 -21.36
CA VAL B 179 11.43 5.75 -21.63
C VAL B 179 12.35 6.79 -21.02
N ARG B 180 11.83 8.01 -20.77
CA ARG B 180 12.64 9.08 -20.17
C ARG B 180 13.14 8.71 -18.79
N PHE B 181 12.32 7.99 -18.02
CA PHE B 181 12.71 7.52 -16.69
C PHE B 181 13.36 6.14 -16.73
N ASP B 182 13.77 5.70 -17.93
CA ASP B 182 14.66 4.55 -18.09
C ASP B 182 16.12 4.99 -18.04
N ASN B 183 17.01 4.00 -18.06
CA ASN B 183 18.44 4.28 -17.98
C ASN B 183 19.22 2.99 -18.21
N GLY B 184 20.44 3.14 -18.72
CA GLY B 184 21.40 2.06 -18.76
C GLY B 184 22.32 2.13 -17.54
N ASP B 185 23.45 1.43 -17.62
CA ASP B 185 24.38 1.48 -16.52
C ASP B 185 25.08 2.83 -16.47
N GLY B 186 25.56 3.17 -15.28
CA GLY B 186 26.17 4.46 -15.05
C GLY B 186 26.74 4.55 -13.66
N PHE B 187 27.73 5.40 -13.47
CA PHE B 187 28.34 5.62 -12.17
C PHE B 187 28.15 7.08 -11.77
N GLY B 188 28.33 7.36 -10.50
CA GLY B 188 28.21 8.73 -10.00
C GLY B 188 29.26 8.96 -8.94
N LEU B 189 29.74 10.19 -8.90
CA LEU B 189 30.73 10.58 -7.92
C LEU B 189 30.26 11.85 -7.25
N SER B 190 30.61 11.97 -5.97
CA SER B 190 30.24 13.16 -5.23
C SER B 190 31.24 13.41 -4.12
N THR B 191 31.34 14.68 -3.74
CA THR B 191 32.23 15.10 -2.67
C THR B 191 31.69 16.40 -2.10
N SER B 192 31.98 16.61 -0.83
CA SER B 192 31.53 17.76 -0.09
C SER B 192 32.58 18.05 0.98
N TYR B 193 32.68 19.33 1.37
CA TYR B 193 33.56 19.72 2.44
C TYR B 193 32.96 20.93 3.15
N ASP B 194 33.07 20.93 4.47
CA ASP B 194 32.66 22.05 5.31
C ASP B 194 33.91 22.66 5.91
N PHE B 195 34.19 23.91 5.56
CA PHE B 195 35.45 24.52 6.02
C PHE B 195 35.31 25.05 7.46
N GLY B 196 34.22 24.74 8.17
CA GLY B 196 34.15 25.13 9.57
C GLY B 196 33.54 26.46 9.87
N MET B 197 33.28 27.28 8.86
CA MET B 197 32.70 28.61 9.10
C MET B 197 31.19 28.66 8.84
N GLY B 198 30.57 27.49 8.71
CA GLY B 198 29.16 27.44 8.39
C GLY B 198 28.87 27.47 6.92
N ILE B 199 29.90 27.64 6.10
CA ILE B 199 29.78 27.58 4.65
C ILE B 199 30.20 26.19 4.25
N SER B 200 29.51 25.62 3.29
CA SER B 200 29.95 24.35 2.78
C SER B 200 29.93 24.39 1.26
N ALA B 201 30.81 23.60 0.64
CA ALA B 201 30.82 23.51 -0.80
C ALA B 201 30.72 22.04 -1.17
N ALA B 202 30.06 21.77 -2.29
CA ALA B 202 29.91 20.40 -2.74
C ALA B 202 29.70 20.42 -4.24
N ALA B 203 30.05 19.28 -4.86
CA ALA B 203 29.83 19.05 -6.27
C ALA B 203 29.68 17.56 -6.47
N ALA B 204 29.02 17.20 -7.55
CA ALA B 204 28.80 15.79 -7.85
C ALA B 204 28.71 15.65 -9.36
N TYR B 205 29.01 14.44 -9.81
CA TYR B 205 29.07 14.15 -11.24
C TYR B 205 28.60 12.74 -11.51
N THR B 206 27.73 12.59 -12.52
CA THR B 206 27.24 11.29 -12.93
C THR B 206 27.34 11.16 -14.44
N SER B 207 27.60 9.92 -14.90
CA SER B 207 27.60 9.57 -16.31
C SER B 207 27.04 8.16 -16.47
N SER B 208 26.09 8.00 -17.39
CA SER B 208 25.36 6.76 -17.53
C SER B 208 25.18 6.45 -19.02
N ASP B 209 25.08 5.17 -19.36
CA ASP B 209 24.63 4.81 -20.69
C ASP B 209 23.16 5.17 -20.85
N ARG B 210 22.72 5.39 -22.08
CA ARG B 210 21.29 5.55 -22.35
C ARG B 210 20.82 4.32 -23.10
N THR B 211 19.60 3.89 -22.83
CA THR B 211 19.14 2.63 -23.38
C THR B 211 18.85 2.78 -24.87
N ASN B 212 18.91 1.64 -25.57
CA ASN B 212 18.58 1.65 -26.99
C ASN B 212 17.27 2.37 -27.25
N ASP B 213 16.26 2.12 -26.40
CA ASP B 213 14.96 2.76 -26.58
C ASP B 213 15.06 4.26 -26.35
N GLN B 214 15.94 4.69 -25.43
CA GLN B 214 16.06 6.12 -25.15
C GLN B 214 16.64 6.87 -26.34
N MET B 215 17.63 6.28 -27.01
CA MET B 215 18.23 6.94 -28.15
C MET B 215 17.27 7.02 -29.35
N THR B 216 16.33 6.07 -29.47
CA THR B 216 15.50 6.04 -30.68
C THR B 216 14.12 6.64 -30.51
N GLN B 217 13.50 6.58 -29.32
CA GLN B 217 12.10 6.98 -29.17
C GLN B 217 11.93 8.34 -28.58
N THR B 218 13.01 9.00 -28.19
CA THR B 218 12.94 10.30 -27.57
C THR B 218 13.59 11.32 -28.49
N ASN B 219 13.43 12.59 -28.12
CA ASN B 219 13.98 13.70 -28.87
C ASN B 219 15.36 14.13 -28.39
N ALA B 220 16.11 13.23 -27.73
CA ALA B 220 17.50 13.47 -27.34
C ALA B 220 18.43 12.42 -27.95
N ARG B 221 19.47 12.90 -28.62
CA ARG B 221 20.48 12.07 -29.29
C ARG B 221 21.80 12.06 -28.51
N GLY B 222 22.42 10.90 -28.45
CA GLY B 222 23.68 10.67 -27.77
C GLY B 222 23.71 9.28 -27.16
N ASP B 223 24.92 8.82 -26.83
CA ASP B 223 25.08 7.46 -26.35
C ASP B 223 25.32 7.39 -24.85
N LYS B 224 25.35 8.53 -24.18
CA LYS B 224 25.41 8.54 -22.73
C LYS B 224 24.62 9.74 -22.20
N ALA B 225 24.10 9.59 -20.99
CA ALA B 225 23.43 10.68 -20.29
C ALA B 225 24.28 11.02 -19.08
N GLU B 226 24.75 12.26 -19.02
CA GLU B 226 25.64 12.70 -17.95
C GLU B 226 25.24 14.10 -17.49
N ALA B 227 25.59 14.38 -16.24
CA ALA B 227 25.27 15.66 -15.63
C ALA B 227 26.28 15.93 -14.54
N TRP B 228 26.40 17.20 -14.19
CA TRP B 228 27.36 17.63 -13.18
C TRP B 228 26.78 18.85 -12.49
N THR B 229 27.14 19.01 -11.23
CA THR B 229 26.62 20.13 -10.48
C THR B 229 27.55 20.49 -9.33
N ALA B 230 27.51 21.76 -8.95
CA ALA B 230 28.20 22.24 -7.77
C ALA B 230 27.27 23.20 -7.05
N GLY B 231 27.52 23.35 -5.76
CA GLY B 231 26.68 24.22 -4.96
C GLY B 231 27.43 24.65 -3.72
N LEU B 232 26.91 25.71 -3.13
CA LEU B 232 27.45 26.24 -1.89
C LEU B 232 26.29 26.50 -0.95
N LYS B 233 26.55 26.33 0.34
CA LYS B 233 25.54 26.63 1.33
C LYS B 233 26.21 27.29 2.53
N TYR B 234 25.54 28.29 3.08
CA TYR B 234 25.92 28.89 4.35
C TYR B 234 24.81 28.56 5.34
N ASP B 235 25.15 27.81 6.38
CA ASP B 235 24.18 27.28 7.34
C ASP B 235 24.74 27.53 8.72
N ALA B 236 24.35 28.66 9.31
CA ALA B 236 24.83 29.02 10.63
C ALA B 236 23.98 30.18 11.15
N ASN B 237 23.98 30.32 12.48
CA ASN B 237 23.36 31.45 13.17
C ASN B 237 22.01 31.84 12.59
N ASP B 238 21.11 30.84 12.49
CA ASP B 238 19.74 30.99 12.01
C ASP B 238 19.68 31.50 10.58
N ILE B 239 20.74 31.37 9.81
CA ILE B 239 20.75 31.81 8.43
C ILE B 239 20.99 30.58 7.56
N TYR B 240 20.21 30.44 6.51
CA TYR B 240 20.44 29.38 5.54
C TYR B 240 20.42 29.99 4.15
N LEU B 241 21.59 30.07 3.54
CA LEU B 241 21.72 30.45 2.15
C LEU B 241 22.31 29.25 1.45
N ALA B 242 21.65 28.80 0.40
CA ALA B 242 22.19 27.72 -0.38
C ALA B 242 21.84 28.01 -1.81
N THR B 243 22.84 27.94 -2.66
CA THR B 243 22.62 27.99 -4.08
C THR B 243 23.39 26.85 -4.70
N MET B 244 23.01 26.51 -5.92
CA MET B 244 23.62 25.39 -6.61
C MET B 244 23.51 25.65 -8.09
N TYR B 245 24.52 25.21 -8.81
CA TYR B 245 24.49 25.27 -10.26
C TYR B 245 24.61 23.85 -10.76
N SER B 246 23.94 23.57 -11.87
CA SER B 246 23.93 22.25 -12.45
C SER B 246 23.92 22.37 -13.96
N GLU B 247 24.34 21.29 -14.59
CA GLU B 247 24.23 21.10 -16.03
C GLU B 247 23.85 19.66 -16.25
N THR B 248 22.94 19.41 -17.19
CA THR B 248 22.57 18.04 -17.53
C THR B 248 22.57 17.89 -19.04
N ARG B 249 22.93 16.69 -19.50
CA ARG B 249 23.02 16.40 -20.93
C ARG B 249 22.34 15.07 -21.24
N ASN B 250 21.35 15.12 -22.15
CA ASN B 250 20.62 13.96 -22.68
C ASN B 250 19.92 13.12 -21.60
N MET B 251 19.41 13.73 -20.52
CA MET B 251 18.80 12.90 -19.48
C MET B 251 17.47 13.44 -18.96
N THR B 252 17.44 14.71 -18.54
CA THR B 252 16.29 15.25 -17.80
C THR B 252 15.09 15.43 -18.72
N PRO B 253 13.90 14.98 -18.33
CA PRO B 253 12.72 15.11 -19.18
C PRO B 253 12.02 16.45 -18.97
N TYR B 254 11.10 16.73 -19.89
CA TYR B 254 10.28 17.94 -19.80
C TYR B 254 9.00 17.68 -20.57
N GLY B 255 7.91 18.27 -20.09
CA GLY B 255 6.67 18.13 -20.82
C GLY B 255 6.14 16.70 -20.85
N ASN B 256 5.24 16.48 -21.81
CA ASN B 256 4.56 15.20 -21.90
C ASN B 256 5.50 14.10 -22.40
N ASP B 257 6.35 14.41 -23.36
CA ASP B 257 7.14 13.37 -24.01
C ASP B 257 8.43 13.98 -24.51
N GLY B 258 9.20 14.58 -23.62
CA GLY B 258 10.38 15.26 -24.08
C GLY B 258 11.54 15.05 -23.14
N VAL B 259 12.73 14.95 -23.72
CA VAL B 259 13.97 14.98 -22.96
C VAL B 259 14.88 16.00 -23.64
N ALA B 260 15.48 16.87 -22.83
CA ALA B 260 16.27 17.98 -23.32
C ALA B 260 17.71 17.56 -23.57
N ASN B 261 18.21 17.92 -24.75
CA ASN B 261 19.61 17.66 -25.07
C ASN B 261 20.57 18.38 -24.13
N LYS B 262 20.19 19.56 -23.62
CA LYS B 262 21.01 20.23 -22.62
C LYS B 262 20.12 21.09 -21.72
N THR B 263 20.50 21.19 -20.45
CA THR B 263 19.83 22.10 -19.53
C THR B 263 20.90 22.81 -18.72
N GLN B 264 20.68 24.10 -18.44
CA GLN B 264 21.48 24.85 -17.48
C GLN B 264 20.54 25.24 -16.35
N ASN B 265 20.91 24.88 -15.13
CA ASN B 265 19.98 24.98 -14.01
C ASN B 265 20.63 25.65 -12.81
N PHE B 266 19.87 26.53 -12.18
CA PHE B 266 20.34 27.24 -11.01
C PHE B 266 19.20 27.35 -10.02
N GLU B 267 19.54 27.21 -8.74
CA GLU B 267 18.60 27.40 -7.64
C GLU B 267 19.35 28.14 -6.55
N VAL B 268 18.62 29.00 -5.83
CA VAL B 268 19.15 29.68 -4.66
C VAL B 268 18.03 29.83 -3.66
N THR B 269 18.34 29.63 -2.39
CA THR B 269 17.37 29.73 -1.32
C THR B 269 17.97 30.51 -0.17
N ALA B 270 17.26 31.54 0.26
CA ALA B 270 17.71 32.38 1.36
C ALA B 270 16.65 32.28 2.46
N GLN B 271 17.07 31.77 3.61
CA GLN B 271 16.16 31.52 4.71
C GLN B 271 16.79 31.97 6.01
N TYR B 272 15.92 32.43 6.91
CA TYR B 272 16.27 32.79 8.27
C TYR B 272 15.37 32.01 9.21
N GLN B 273 15.87 31.71 10.41
CA GLN B 273 15.12 30.97 11.41
C GLN B 273 14.92 31.84 12.64
N PHE B 274 13.69 32.27 12.88
CA PHE B 274 13.42 33.06 14.05
C PHE B 274 13.37 32.18 15.30
N ASP B 275 13.67 32.80 16.44
CA ASP B 275 13.72 32.09 17.71
C ASP B 275 12.36 31.50 18.10
N PHE B 276 11.27 32.18 17.76
CA PHE B 276 9.94 31.73 18.17
C PHE B 276 9.28 30.79 17.19
N GLY B 277 9.95 30.42 16.11
CA GLY B 277 9.45 29.37 15.24
C GLY B 277 9.17 29.77 13.80
N LEU B 278 9.30 31.02 13.40
CA LEU B 278 9.02 31.39 12.02
C LEU B 278 10.29 31.26 11.15
N ARG B 279 10.15 30.65 9.98
CA ARG B 279 11.27 30.39 9.06
C ARG B 279 10.90 30.84 7.66
N PRO B 280 11.17 32.10 7.32
CA PRO B 280 10.92 32.56 5.96
C PRO B 280 11.88 31.92 4.97
N ALA B 281 11.48 31.94 3.70
CA ALA B 281 12.27 31.33 2.63
C ALA B 281 12.15 32.18 1.38
N ILE B 282 13.28 32.70 0.93
CA ILE B 282 13.39 33.43 -0.33
C ILE B 282 14.12 32.49 -1.27
N SER B 283 13.47 32.13 -2.37
CA SER B 283 14.16 31.20 -3.24
C SER B 283 13.79 31.47 -4.68
N TYR B 284 14.72 31.10 -5.56
CA TYR B 284 14.59 31.28 -6.99
C TYR B 284 15.11 30.01 -7.64
N LEU B 285 14.37 29.51 -8.62
CA LEU B 285 14.72 28.26 -9.28
C LEU B 285 14.53 28.45 -10.77
N GLN B 286 15.54 28.04 -11.56
CA GLN B 286 15.42 28.12 -13.01
C GLN B 286 16.20 26.98 -13.68
N SER B 287 15.61 26.45 -14.76
CA SER B 287 16.25 25.48 -15.62
C SER B 287 16.06 25.94 -17.07
N LYS B 288 17.14 26.33 -17.71
CA LYS B 288 17.10 26.83 -19.09
C LYS B 288 17.40 25.66 -20.04
N GLY B 289 16.39 25.22 -20.78
CA GLY B 289 16.58 24.17 -21.76
C GLY B 289 17.33 24.66 -22.99
N LYS B 290 18.01 23.73 -23.66
CA LYS B 290 18.80 24.06 -24.84
C LYS B 290 18.65 22.98 -25.90
N ASP B 291 18.56 23.40 -27.16
CA ASP B 291 18.55 22.49 -28.31
C ASP B 291 17.43 21.43 -28.20
N LEU B 292 16.26 21.87 -27.76
CA LEU B 292 15.11 20.98 -27.63
C LEU B 292 14.51 20.66 -29.00
N TYR B 293 14.35 19.36 -29.28
CA TYR B 293 13.84 18.87 -30.56
C TYR B 293 12.31 18.80 -30.52
N ASN B 294 11.64 19.81 -31.09
CA ASN B 294 10.20 19.93 -31.00
C ASN B 294 9.49 19.32 -32.20
N ASN B 295 9.88 19.72 -33.41
CA ASN B 295 9.21 19.29 -34.65
C ASN B 295 10.22 19.19 -35.80
N GLY B 296 11.37 18.60 -35.53
CA GLY B 296 12.43 18.57 -36.52
C GLY B 296 13.37 19.76 -36.47
N ARG B 297 13.19 20.66 -35.51
CA ARG B 297 14.05 21.83 -35.39
C ARG B 297 14.48 22.02 -33.94
N TYR B 298 15.65 22.63 -33.78
CA TYR B 298 16.22 22.92 -32.47
C TYR B 298 15.60 24.18 -31.88
N ALA B 299 15.57 24.24 -30.54
CA ALA B 299 15.05 25.41 -29.85
C ALA B 299 15.65 25.47 -28.45
N ASP B 300 15.80 26.69 -27.94
CA ASP B 300 16.24 26.94 -26.57
C ASP B 300 15.11 27.64 -25.81
N LYS B 301 14.53 26.97 -24.82
CA LYS B 301 13.42 27.50 -24.03
C LYS B 301 13.62 27.16 -22.56
N ASP B 302 13.12 28.04 -21.68
CA ASP B 302 13.04 27.77 -20.25
C ASP B 302 12.05 26.65 -19.94
N LEU B 303 12.54 25.60 -19.26
CA LEU B 303 11.75 24.45 -18.83
C LEU B 303 11.11 24.64 -17.46
N VAL B 304 11.85 25.24 -16.53
CA VAL B 304 11.38 25.58 -15.19
C VAL B 304 11.99 26.92 -14.84
N LYS B 305 11.17 27.84 -14.32
CA LYS B 305 11.67 29.16 -13.97
C LYS B 305 10.68 29.82 -13.04
N TYR B 306 11.03 29.95 -11.76
CA TYR B 306 10.11 30.61 -10.85
C TYR B 306 10.86 31.17 -9.65
N MET B 307 10.21 32.13 -9.01
CA MET B 307 10.63 32.66 -7.73
C MET B 307 9.65 32.13 -6.70
N ASP B 308 10.15 31.89 -5.50
CA ASP B 308 9.31 31.34 -4.45
C ASP B 308 9.53 32.12 -3.18
N VAL B 309 8.46 32.40 -2.47
CA VAL B 309 8.49 32.99 -1.14
C VAL B 309 7.53 32.20 -0.26
N GLY B 310 7.92 31.95 0.97
CA GLY B 310 7.05 31.22 1.88
C GLY B 310 7.63 31.19 3.27
N ALA B 311 6.81 30.76 4.21
CA ALA B 311 7.22 30.70 5.60
C ALA B 311 6.68 29.42 6.21
N THR B 312 7.42 28.89 7.19
CA THR B 312 7.03 27.71 7.94
C THR B 312 7.03 28.06 9.42
N TYR B 313 5.99 27.64 10.14
CA TYR B 313 5.95 27.84 11.58
C TYR B 313 6.01 26.48 12.26
N TYR B 314 7.02 26.28 13.09
CA TYR B 314 7.25 25.03 13.77
C TYR B 314 6.72 25.18 15.20
N PHE B 315 5.61 24.49 15.50
CA PHE B 315 5.12 24.47 16.87
C PHE B 315 6.12 23.78 17.78
N ASN B 316 6.64 22.64 17.36
CA ASN B 316 7.68 21.89 18.05
C ASN B 316 8.24 20.89 17.04
N ARG B 317 9.06 19.95 17.52
CA ARG B 317 9.68 18.97 16.64
C ARG B 317 8.65 18.08 15.95
N ASN B 318 7.41 18.06 16.43
CA ASN B 318 6.38 17.17 15.91
C ASN B 318 5.26 17.86 15.14
N MET B 319 5.18 19.19 15.15
CA MET B 319 4.09 19.88 14.48
C MET B 319 4.54 21.19 13.83
N SER B 320 4.01 21.47 12.65
CA SER B 320 4.40 22.65 11.90
C SER B 320 3.32 22.96 10.89
N THR B 321 3.29 24.21 10.44
CA THR B 321 2.40 24.63 9.36
C THR B 321 3.12 25.66 8.50
N TYR B 322 2.66 25.81 7.25
CA TYR B 322 3.42 26.64 6.33
C TYR B 322 2.54 27.15 5.20
N VAL B 323 3.02 28.20 4.55
CA VAL B 323 2.45 28.75 3.33
C VAL B 323 3.60 28.90 2.34
N ASP B 324 3.37 28.49 1.08
CA ASP B 324 4.37 28.61 0.03
C ASP B 324 3.75 29.26 -1.20
N TYR B 325 4.41 30.29 -1.71
CA TYR B 325 3.97 31.05 -2.88
C TYR B 325 5.00 30.85 -3.99
N LYS B 326 4.61 30.11 -5.03
CA LYS B 326 5.45 29.88 -6.20
C LYS B 326 5.00 30.85 -7.28
N ILE B 327 5.85 31.79 -7.63
CA ILE B 327 5.54 32.77 -8.66
C ILE B 327 6.27 32.35 -9.94
N ASN B 328 5.49 31.84 -10.90
CA ASN B 328 6.03 31.22 -12.09
C ASN B 328 6.34 32.29 -13.14
N LEU B 329 7.56 32.25 -13.66
CA LEU B 329 8.07 33.25 -14.59
C LEU B 329 8.00 32.81 -16.05
N LEU B 330 7.52 31.61 -16.34
CA LEU B 330 7.41 31.16 -17.73
C LEU B 330 6.26 31.86 -18.45
N ASP B 331 6.43 32.12 -19.74
CA ASP B 331 5.44 32.89 -20.51
C ASP B 331 4.28 32.01 -20.95
N GLY B 332 3.09 32.28 -20.39
CA GLY B 332 1.87 31.58 -20.75
C GLY B 332 1.40 31.80 -22.18
N ASN B 333 1.82 32.89 -22.82
CA ASN B 333 1.37 33.14 -24.18
C ASN B 333 2.21 32.40 -25.21
N ASP B 334 3.38 31.93 -24.81
CA ASP B 334 4.21 31.06 -25.64
C ASP B 334 3.52 29.70 -25.74
N LYS B 335 3.07 29.35 -26.95
CA LYS B 335 2.30 28.12 -27.15
C LYS B 335 3.12 26.87 -26.82
N PHE B 336 4.44 27.02 -26.72
CA PHE B 336 5.33 25.90 -26.39
C PHE B 336 4.89 25.13 -25.16
N TYR B 337 4.52 25.83 -24.08
CA TYR B 337 4.30 25.20 -22.78
C TYR B 337 3.07 24.30 -22.75
N GLU B 338 1.89 24.85 -23.07
CA GLU B 338 0.69 24.04 -23.08
C GLU B 338 0.86 22.84 -23.99
N ASP B 339 1.66 23.00 -25.04
CA ASP B 339 1.88 21.93 -26.02
C ASP B 339 2.43 20.66 -25.36
N ASN B 340 3.38 20.83 -24.45
CA ASN B 340 3.98 19.73 -23.72
C ASN B 340 3.34 19.47 -22.37
N GLY B 341 2.37 20.28 -21.96
CA GLY B 341 1.79 20.09 -20.66
C GLY B 341 2.63 20.65 -19.53
N ILE B 342 3.53 21.59 -19.83
CA ILE B 342 4.35 22.23 -18.82
C ILE B 342 3.55 23.36 -18.18
N SER B 343 3.56 23.41 -16.85
CA SER B 343 2.73 24.38 -16.14
C SER B 343 3.14 25.81 -16.43
N THR B 344 2.14 26.69 -16.50
CA THR B 344 2.35 28.11 -16.65
C THR B 344 1.92 28.93 -15.44
N ASP B 345 1.11 28.36 -14.54
CA ASP B 345 0.42 29.09 -13.49
C ASP B 345 1.26 29.22 -12.21
N ASN B 346 0.81 30.10 -11.32
CA ASN B 346 1.37 30.28 -9.98
C ASN B 346 0.67 29.30 -9.03
N ILE B 347 1.31 29.01 -7.89
CA ILE B 347 0.67 28.19 -6.86
C ILE B 347 0.92 28.77 -5.48
N VAL B 348 -0.12 28.71 -4.63
CA VAL B 348 -0.03 29.04 -3.23
C VAL B 348 -0.40 27.80 -2.44
N ALA B 349 0.48 27.36 -1.56
CA ALA B 349 0.26 26.15 -0.80
C ALA B 349 0.13 26.48 0.68
N LEU B 350 -0.86 25.90 1.33
CA LEU B 350 -0.95 26.01 2.78
C LEU B 350 -1.09 24.62 3.35
N GLY B 351 -0.20 24.31 4.29
CA GLY B 351 -0.08 22.96 4.81
C GLY B 351 0.09 22.98 6.30
N LEU B 352 -0.45 21.95 6.95
CA LEU B 352 -0.33 21.74 8.38
C LEU B 352 0.07 20.29 8.56
N VAL B 353 1.20 20.07 9.24
CA VAL B 353 1.98 18.84 9.14
C VAL B 353 2.21 18.29 10.54
N TYR B 354 1.79 17.05 10.77
CA TYR B 354 2.16 16.34 11.99
C TYR B 354 3.29 15.38 11.63
N GLN B 355 4.33 15.32 12.47
CA GLN B 355 5.54 14.54 12.20
C GLN B 355 5.94 13.66 13.37
N PHE B 356 6.55 12.53 13.04
CA PHE B 356 7.02 11.58 14.05
C PHE B 356 8.26 10.85 13.53
N ALA C 4 10.15 -8.18 16.69
CA ALA C 4 10.38 -6.96 17.47
C ALA C 4 9.17 -6.57 18.37
N GLU C 5 9.25 -6.87 19.66
CA GLU C 5 8.15 -6.56 20.58
C GLU C 5 8.13 -5.06 20.84
N ILE C 6 7.02 -4.42 20.45
CA ILE C 6 6.84 -2.98 20.60
C ILE C 6 5.69 -2.61 21.51
N TYR C 7 4.83 -3.57 21.86
CA TYR C 7 3.73 -3.33 22.78
C TYR C 7 3.58 -4.55 23.67
N ASN C 8 3.36 -4.30 24.97
CA ASN C 8 3.03 -5.37 25.90
C ASN C 8 2.41 -4.78 27.17
N LYS C 9 1.16 -4.31 27.04
CA LYS C 9 0.38 -3.70 28.12
C LYS C 9 -1.02 -4.27 28.04
N ASP C 10 -1.62 -4.49 29.21
CA ASP C 10 -2.98 -5.02 29.34
C ASP C 10 -3.15 -6.36 28.64
N GLY C 11 -2.20 -7.27 28.85
CA GLY C 11 -2.34 -8.63 28.37
C GLY C 11 -2.38 -8.80 26.87
N ASN C 12 -1.90 -7.80 26.12
CA ASN C 12 -1.84 -7.84 24.67
C ASN C 12 -0.42 -7.53 24.22
N LYS C 13 0.09 -8.29 23.26
CA LYS C 13 1.42 -8.14 22.68
C LYS C 13 1.29 -7.80 21.21
N LEU C 14 2.04 -6.81 20.73
CA LEU C 14 2.09 -6.52 19.32
C LEU C 14 3.56 -6.43 18.88
N ASP C 15 3.96 -7.31 17.97
CA ASP C 15 5.30 -7.30 17.39
C ASP C 15 5.21 -6.90 15.93
N LEU C 16 6.08 -5.97 15.51
CA LEU C 16 6.32 -5.69 14.10
C LEU C 16 7.47 -6.57 13.58
N TYR C 17 7.36 -6.97 12.31
CA TYR C 17 8.44 -7.72 11.68
C TYR C 17 8.43 -7.46 10.18
N GLY C 18 9.60 -7.60 9.58
CA GLY C 18 9.76 -7.45 8.15
C GLY C 18 11.22 -7.47 7.77
N LYS C 19 11.50 -7.15 6.51
CA LYS C 19 12.87 -7.15 6.02
C LYS C 19 13.03 -6.14 4.89
N VAL C 20 14.28 -5.82 4.60
CA VAL C 20 14.63 -5.05 3.42
C VAL C 20 15.69 -5.84 2.67
N ASP C 21 15.39 -6.18 1.43
CA ASP C 21 16.23 -7.06 0.63
C ASP C 21 16.77 -6.23 -0.51
N GLY C 22 18.05 -5.85 -0.42
CA GLY C 22 18.74 -5.22 -1.51
C GLY C 22 19.16 -6.36 -2.41
N LEU C 23 18.46 -6.51 -3.52
CA LEU C 23 18.53 -7.74 -4.28
C LEU C 23 18.80 -7.39 -5.73
N HIS C 24 19.77 -8.06 -6.32
CA HIS C 24 20.02 -7.89 -7.73
C HIS C 24 20.08 -9.25 -8.40
N TYR C 25 19.51 -9.30 -9.59
CA TYR C 25 19.46 -10.48 -10.43
C TYR C 25 20.36 -10.24 -11.63
N PHE C 26 21.20 -11.23 -11.93
CA PHE C 26 22.00 -11.26 -13.14
C PHE C 26 21.48 -12.44 -13.94
N SER C 27 20.88 -12.17 -15.11
CA SER C 27 20.31 -13.25 -15.90
C SER C 27 20.09 -12.79 -17.33
N SER C 28 20.25 -13.73 -18.27
CA SER C 28 20.06 -13.41 -19.68
C SER C 28 18.60 -13.28 -20.05
N ASP C 29 17.71 -13.75 -19.19
CA ASP C 29 16.28 -13.55 -19.38
C ASP C 29 15.97 -12.10 -19.04
N SER C 30 15.55 -11.34 -20.04
CA SER C 30 15.42 -9.91 -19.79
C SER C 30 14.20 -9.59 -18.93
N LYS C 31 13.37 -10.60 -18.64
CA LYS C 31 12.26 -10.45 -17.70
C LYS C 31 12.66 -10.76 -16.26
N LYS C 32 13.86 -11.28 -16.02
CA LYS C 32 14.33 -11.50 -14.65
C LYS C 32 15.55 -10.68 -14.29
N ASP C 33 16.36 -10.30 -15.28
CA ASP C 33 17.58 -9.54 -15.04
C ASP C 33 17.24 -8.20 -14.40
N GLY C 34 18.12 -7.74 -13.50
CA GLY C 34 18.04 -6.38 -12.99
C GLY C 34 17.78 -6.20 -11.50
N ASP C 35 17.33 -5.00 -11.11
CA ASP C 35 17.04 -4.73 -9.71
C ASP C 35 15.83 -5.55 -9.28
N GLN C 36 15.89 -6.06 -8.05
CA GLN C 36 14.78 -6.83 -7.51
C GLN C 36 14.50 -6.43 -6.07
N THR C 37 14.92 -5.23 -5.66
CA THR C 37 14.81 -4.80 -4.28
C THR C 37 13.36 -4.81 -3.86
N TYR C 38 13.08 -5.43 -2.73
CA TYR C 38 11.70 -5.45 -2.23
C TYR C 38 11.76 -5.39 -0.71
N LEU C 39 10.59 -5.25 -0.10
CA LEU C 39 10.58 -5.27 1.35
C LEU C 39 9.29 -5.92 1.84
N ARG C 40 9.37 -6.42 3.06
CA ARG C 40 8.21 -6.98 3.73
C ARG C 40 7.99 -6.18 5.00
N PHE C 41 6.73 -5.87 5.26
CA PHE C 41 6.31 -5.19 6.46
C PHE C 41 5.11 -5.97 6.96
N GLY C 42 4.96 -6.02 8.27
CA GLY C 42 3.75 -6.60 8.81
C GLY C 42 3.77 -6.55 10.32
N PHE C 43 2.71 -7.11 10.90
CA PHE C 43 2.65 -7.16 12.35
C PHE C 43 2.17 -8.54 12.77
N LYS C 44 2.51 -8.90 13.99
CA LYS C 44 1.89 -10.05 14.65
C LYS C 44 1.52 -9.62 16.07
N GLY C 45 0.24 -9.76 16.40
CA GLY C 45 -0.25 -9.47 17.72
C GLY C 45 -0.98 -10.66 18.31
N GLU C 46 -0.88 -10.80 19.63
CA GLU C 46 -1.56 -11.89 20.31
C GLU C 46 -1.99 -11.41 21.69
N THR C 47 -3.25 -11.70 22.06
CA THR C 47 -3.84 -11.22 23.31
C THR C 47 -4.22 -12.38 24.22
N GLN C 48 -3.92 -12.22 25.50
CA GLN C 48 -4.21 -13.25 26.48
C GLN C 48 -5.65 -13.07 26.95
N ILE C 49 -6.57 -13.85 26.37
CA ILE C 49 -7.96 -13.81 26.81
C ILE C 49 -8.07 -14.29 28.25
N ASN C 50 -7.52 -15.46 28.54
CA ASN C 50 -7.36 -15.95 29.90
C ASN C 50 -6.19 -16.93 29.91
N ASP C 51 -5.99 -17.64 31.03
CA ASP C 51 -4.78 -18.46 31.19
C ASP C 51 -4.68 -19.60 30.18
N MET C 52 -5.80 -20.07 29.62
CA MET C 52 -5.80 -21.15 28.64
C MET C 52 -6.40 -20.73 27.30
N LEU C 53 -6.54 -19.43 27.03
CA LEU C 53 -7.08 -18.93 25.76
C LEU C 53 -6.30 -17.71 25.28
N THR C 54 -5.97 -17.67 24.00
CA THR C 54 -5.24 -16.55 23.40
C THR C 54 -5.80 -16.25 22.02
N GLY C 55 -5.93 -14.96 21.70
CA GLY C 55 -6.32 -14.52 20.37
C GLY C 55 -5.16 -13.87 19.63
N TYR C 56 -5.15 -14.04 18.30
CA TYR C 56 -4.05 -13.52 17.50
C TYR C 56 -4.51 -13.11 16.11
N GLY C 57 -3.77 -12.18 15.53
CA GLY C 57 -3.96 -11.79 14.14
C GLY C 57 -2.61 -11.50 13.51
N GLN C 58 -2.54 -11.66 12.19
CA GLN C 58 -1.25 -11.45 11.55
C GLN C 58 -1.41 -10.85 10.18
N TRP C 59 -0.55 -9.88 9.86
CA TRP C 59 -0.48 -9.28 8.54
C TRP C 59 0.95 -9.34 8.01
N GLU C 60 1.09 -9.76 6.76
CA GLU C 60 2.36 -9.70 6.06
C GLU C 60 2.10 -9.05 4.72
N TYR C 61 2.80 -7.95 4.44
CA TYR C 61 2.63 -7.17 3.22
C TYR C 61 3.92 -7.28 2.43
N ASN C 62 3.82 -7.37 1.11
CA ASN C 62 4.98 -7.36 0.23
C ASN C 62 5.00 -6.04 -0.53
N VAL C 63 6.12 -5.33 -0.51
CA VAL C 63 6.19 -4.04 -1.19
C VAL C 63 7.45 -4.04 -2.04
N GLN C 64 7.28 -3.98 -3.34
CA GLN C 64 8.39 -3.97 -4.27
C GLN C 64 9.01 -2.58 -4.33
N ALA C 65 10.36 -2.53 -4.41
CA ALA C 65 11.00 -1.22 -4.47
C ALA C 65 11.93 -1.08 -5.66
N ASN C 66 11.71 -1.84 -6.72
CA ASN C 66 12.60 -1.84 -7.87
C ASN C 66 12.02 -1.13 -9.11
N ASN C 67 10.78 -0.62 -9.03
CA ASN C 67 10.15 0.06 -10.15
C ASN C 67 9.90 1.52 -9.77
N THR C 68 9.44 2.30 -10.74
CA THR C 68 9.33 3.74 -10.51
C THR C 68 8.07 4.08 -9.69
N GLU C 69 8.12 5.21 -9.00
CA GLU C 69 7.00 5.63 -8.17
C GLU C 69 5.69 5.80 -8.95
N THR C 70 5.73 5.83 -10.28
CA THR C 70 4.50 5.87 -11.06
C THR C 70 4.00 4.47 -11.39
N SER C 71 4.84 3.44 -11.20
CA SER C 71 4.45 2.07 -11.49
C SER C 71 3.26 1.70 -10.62
N SER C 72 2.50 0.71 -11.08
CA SER C 72 1.31 0.25 -10.38
C SER C 72 1.52 -1.13 -9.76
N ASP C 73 0.68 -1.43 -8.78
CA ASP C 73 0.56 -2.74 -8.17
C ASP C 73 1.91 -3.27 -7.69
N GLN C 74 2.61 -2.42 -6.95
CA GLN C 74 3.88 -2.79 -6.36
C GLN C 74 3.72 -3.35 -4.96
N ALA C 75 2.49 -3.51 -4.46
CA ALA C 75 2.28 -3.92 -3.09
C ALA C 75 1.10 -4.87 -3.02
N TRP C 76 1.23 -5.91 -2.21
CA TRP C 76 0.14 -6.86 -2.05
C TRP C 76 0.36 -7.59 -0.74
N THR C 77 -0.71 -8.21 -0.28
CA THR C 77 -0.74 -8.86 1.02
C THR C 77 -0.47 -10.35 0.87
N ARG C 78 0.48 -10.86 1.64
CA ARG C 78 0.72 -12.29 1.57
C ARG C 78 -0.12 -13.05 2.59
N LEU C 79 -0.24 -12.51 3.80
CA LEU C 79 -0.96 -13.21 4.85
C LEU C 79 -1.81 -12.20 5.63
N ALA C 80 -3.00 -12.66 6.01
CA ALA C 80 -3.90 -11.88 6.85
C ALA C 80 -4.92 -12.86 7.39
N PHE C 81 -4.79 -13.18 8.67
CA PHE C 81 -5.65 -14.17 9.29
C PHE C 81 -5.79 -13.79 10.74
N ALA C 82 -6.88 -14.26 11.34
CA ALA C 82 -7.12 -14.15 12.76
C ALA C 82 -7.43 -15.54 13.27
N GLY C 83 -7.14 -15.79 14.55
CA GLY C 83 -7.32 -17.12 15.10
C GLY C 83 -7.30 -17.12 16.62
N ILE C 84 -7.68 -18.28 17.15
CA ILE C 84 -7.78 -18.52 18.59
C ILE C 84 -7.08 -19.83 18.90
N LYS C 85 -6.35 -19.90 20.01
CA LYS C 85 -5.76 -21.16 20.45
C LYS C 85 -6.21 -21.51 21.87
N VAL C 86 -6.85 -22.68 22.01
CA VAL C 86 -7.35 -23.20 23.28
C VAL C 86 -6.33 -24.13 23.92
N GLY C 87 -5.18 -23.59 24.32
CA GLY C 87 -4.18 -24.39 25.03
C GLY C 87 -3.73 -25.64 24.30
N ASP C 88 -3.95 -26.80 24.90
CA ASP C 88 -3.53 -28.08 24.31
C ASP C 88 -4.53 -28.63 23.31
N TYR C 89 -5.78 -28.16 23.35
CA TYR C 89 -6.83 -28.63 22.47
C TYR C 89 -6.67 -28.18 21.01
N GLY C 90 -5.84 -27.17 20.73
CA GLY C 90 -5.61 -26.80 19.35
C GLY C 90 -5.82 -25.32 19.06
N SER C 91 -5.94 -25.02 17.76
CA SER C 91 -6.05 -23.67 17.24
C SER C 91 -6.93 -23.71 16.01
N PHE C 92 -7.54 -22.55 15.72
CA PHE C 92 -8.31 -22.35 14.52
C PHE C 92 -8.01 -20.96 13.97
N ASP C 93 -7.72 -20.85 12.68
CA ASP C 93 -7.58 -19.53 12.09
C ASP C 93 -8.28 -19.50 10.74
N TYR C 94 -8.62 -18.28 10.33
CA TYR C 94 -9.29 -18.04 9.08
C TYR C 94 -8.68 -16.80 8.47
N GLY C 95 -8.64 -16.76 7.15
CA GLY C 95 -8.20 -15.58 6.43
C GLY C 95 -7.31 -15.96 5.26
N ARG C 96 -6.32 -15.13 4.95
CA ARG C 96 -5.33 -15.50 3.94
C ARG C 96 -4.14 -16.11 4.67
N ASN C 97 -4.01 -17.44 4.57
CA ASN C 97 -2.96 -18.13 5.29
C ASN C 97 -2.31 -19.14 4.34
N TYR C 98 -1.31 -19.87 4.83
CA TYR C 98 -0.68 -20.87 4.00
C TYR C 98 -1.57 -22.09 3.83
N GLY C 99 -1.47 -22.70 2.66
CA GLY C 99 -2.14 -23.95 2.44
C GLY C 99 -1.48 -25.04 3.23
N VAL C 100 -2.25 -26.11 3.48
CA VAL C 100 -1.73 -27.19 4.31
C VAL C 100 -0.61 -27.95 3.57
N LEU C 101 -0.64 -27.89 2.23
CA LEU C 101 0.43 -28.48 1.45
C LEU C 101 1.77 -27.86 1.82
N TYR C 102 1.78 -26.60 2.24
CA TYR C 102 3.04 -25.95 2.54
C TYR C 102 3.65 -26.41 3.84
N ASP C 103 2.91 -27.16 4.66
CA ASP C 103 3.46 -27.76 5.87
C ASP C 103 4.62 -28.70 5.56
N VAL C 104 4.64 -29.25 4.36
CA VAL C 104 5.80 -30.00 3.88
C VAL C 104 6.75 -29.10 3.09
N GLU C 105 6.23 -28.38 2.09
CA GLU C 105 7.08 -27.57 1.21
C GLU C 105 7.94 -26.56 1.97
N GLY C 106 7.53 -26.14 3.16
CA GLY C 106 8.38 -25.22 3.91
C GLY C 106 9.72 -25.84 4.27
N TRP C 107 9.75 -27.17 4.43
CA TRP C 107 10.99 -27.82 4.82
C TRP C 107 12.05 -27.64 3.74
N THR C 108 11.65 -27.72 2.47
CA THR C 108 12.58 -27.54 1.36
C THR C 108 12.55 -26.15 0.76
N ASP C 109 11.65 -25.29 1.18
CA ASP C 109 11.66 -23.91 0.70
C ASP C 109 12.58 -23.12 1.61
N MET C 110 13.87 -23.49 1.57
CA MET C 110 14.80 -22.85 2.49
C MET C 110 16.13 -22.47 1.84
N LEU C 111 16.11 -22.10 0.58
CA LEU C 111 17.28 -21.70 -0.18
C LEU C 111 17.56 -20.21 0.00
N PRO C 112 18.77 -19.76 -0.31
CA PRO C 112 19.10 -18.34 -0.18
C PRO C 112 18.15 -17.37 -0.84
N GLU C 113 17.68 -17.66 -2.04
CA GLU C 113 16.81 -16.74 -2.75
C GLU C 113 15.72 -17.47 -3.51
N PHE C 114 16.12 -18.47 -4.28
CA PHE C 114 15.18 -19.23 -5.10
C PHE C 114 14.62 -20.39 -4.29
N GLY C 115 13.98 -21.34 -4.97
CA GLY C 115 13.38 -22.49 -4.32
C GLY C 115 11.87 -22.35 -4.14
N GLY C 116 11.31 -23.36 -3.49
CA GLY C 116 9.90 -23.43 -3.17
C GLY C 116 8.96 -23.32 -4.35
N ASP C 117 9.41 -23.65 -5.55
CA ASP C 117 8.59 -23.43 -6.74
C ASP C 117 8.60 -24.61 -7.70
N SER C 118 8.75 -25.85 -7.21
CA SER C 118 8.57 -26.97 -8.12
C SER C 118 7.10 -27.09 -8.50
N TYR C 119 6.20 -27.05 -7.51
CA TYR C 119 4.76 -27.09 -7.73
C TYR C 119 3.98 -26.04 -6.94
N THR C 120 4.58 -25.37 -5.96
CA THR C 120 3.87 -24.45 -5.08
C THR C 120 3.75 -23.09 -5.72
N TYR C 121 2.52 -22.61 -5.90
CA TYR C 121 2.23 -21.24 -6.33
C TYR C 121 1.27 -20.59 -5.36
N ALA C 122 1.37 -19.27 -5.26
CA ALA C 122 0.43 -18.53 -4.44
C ALA C 122 -0.91 -18.50 -5.14
N ASP C 123 -1.98 -18.49 -4.35
CA ASP C 123 -3.35 -18.46 -4.86
C ASP C 123 -3.62 -19.63 -5.80
N ASN C 124 -3.10 -20.82 -5.44
CA ASN C 124 -3.27 -22.03 -6.26
C ASN C 124 -3.82 -23.15 -5.39
N PHE C 125 -5.12 -23.12 -5.15
CA PHE C 125 -5.78 -24.07 -4.26
C PHE C 125 -5.04 -23.97 -2.92
N MET C 126 -4.61 -25.06 -2.31
CA MET C 126 -3.92 -24.96 -1.03
C MET C 126 -2.43 -25.29 -1.19
N ALA C 127 -1.89 -25.07 -2.39
CA ALA C 127 -0.48 -25.33 -2.67
C ALA C 127 0.43 -24.42 -1.84
N GLY C 128 0.07 -23.14 -1.74
CA GLY C 128 0.76 -22.18 -0.90
C GLY C 128 -0.21 -21.26 -0.19
N ARG C 129 0.07 -19.95 -0.24
CA ARG C 129 -0.81 -18.99 0.42
C ARG C 129 -2.11 -18.89 -0.36
N ALA C 130 -3.23 -18.93 0.35
CA ALA C 130 -4.52 -18.99 -0.31
C ALA C 130 -5.52 -18.05 0.36
N ASN C 131 -6.50 -17.62 -0.42
CA ASN C 131 -7.57 -16.77 0.09
C ASN C 131 -8.64 -17.64 0.73
N GLY C 132 -9.12 -17.20 1.90
CA GLY C 132 -10.23 -17.84 2.54
C GLY C 132 -10.03 -19.27 2.99
N VAL C 133 -9.00 -19.54 3.78
CA VAL C 133 -8.72 -20.87 4.31
C VAL C 133 -9.09 -20.88 5.79
N ALA C 134 -9.80 -21.91 6.20
CA ALA C 134 -10.07 -22.14 7.62
C ALA C 134 -9.19 -23.30 8.00
N THR C 135 -8.32 -23.09 8.98
CA THR C 135 -7.29 -24.05 9.30
C THR C 135 -7.33 -24.38 10.77
N TYR C 136 -7.59 -25.64 11.07
CA TYR C 136 -7.48 -26.14 12.42
C TYR C 136 -6.20 -26.97 12.53
N ARG C 137 -5.42 -26.71 13.58
CA ARG C 137 -4.13 -27.35 13.83
C ARG C 137 -4.06 -27.82 15.27
N ASN C 138 -3.25 -28.83 15.52
CA ASN C 138 -3.07 -29.27 16.90
C ASN C 138 -1.72 -29.94 17.08
N SER C 139 -1.08 -29.68 18.22
CA SER C 139 0.31 -30.06 18.44
C SER C 139 0.50 -31.45 19.08
N ASP C 140 -0.57 -32.16 19.46
CA ASP C 140 -0.39 -33.51 20.00
C ASP C 140 -1.41 -34.49 19.45
N PHE C 141 -1.99 -34.22 18.28
CA PHE C 141 -2.97 -35.10 17.64
C PHE C 141 -4.02 -35.57 18.66
N PHE C 142 -4.80 -34.59 19.17
CA PHE C 142 -5.88 -34.85 20.11
C PHE C 142 -5.38 -35.52 21.38
N GLY C 143 -4.16 -35.22 21.80
CA GLY C 143 -3.67 -35.80 23.03
C GLY C 143 -3.25 -37.24 22.91
N LEU C 144 -3.41 -37.85 21.72
CA LEU C 144 -3.09 -39.26 21.51
C LEU C 144 -1.59 -39.49 21.39
N VAL C 145 -0.86 -38.59 20.74
CA VAL C 145 0.54 -38.76 20.43
C VAL C 145 1.24 -37.44 20.68
N GLU C 146 2.08 -37.36 21.70
CA GLU C 146 2.77 -36.11 21.94
C GLU C 146 3.80 -35.84 20.86
N GLY C 147 3.85 -34.60 20.39
CA GLY C 147 4.77 -34.18 19.36
C GLY C 147 4.28 -34.34 17.94
N LEU C 148 3.11 -34.91 17.73
CA LEU C 148 2.55 -35.10 16.40
C LEU C 148 1.60 -33.95 16.09
N ASN C 149 1.92 -33.20 15.06
CA ASN C 149 1.10 -32.10 14.62
C ASN C 149 0.10 -32.63 13.60
N PHE C 150 -1.11 -32.07 13.63
CA PHE C 150 -2.17 -32.44 12.71
C PHE C 150 -2.83 -31.17 12.22
N ALA C 151 -3.31 -31.19 10.97
CA ALA C 151 -3.99 -30.01 10.45
C ALA C 151 -5.20 -30.46 9.64
N LEU C 152 -6.33 -29.82 9.90
CA LEU C 152 -7.50 -29.96 9.06
C LEU C 152 -7.78 -28.57 8.52
N GLN C 153 -8.00 -28.47 7.22
CA GLN C 153 -8.05 -27.19 6.58
C GLN C 153 -9.13 -27.26 5.51
N TYR C 154 -9.92 -26.18 5.41
CA TYR C 154 -11.02 -26.08 4.45
C TYR C 154 -10.96 -24.71 3.80
N GLN C 155 -11.06 -24.69 2.47
CA GLN C 155 -10.97 -23.45 1.70
C GLN C 155 -12.22 -23.29 0.86
N GLY C 156 -12.95 -22.18 1.07
CA GLY C 156 -14.13 -21.92 0.27
C GLY C 156 -13.82 -21.44 -1.13
N LYS C 157 -14.83 -21.57 -2.00
CA LYS C 157 -14.73 -21.22 -3.41
C LYS C 157 -14.27 -19.79 -3.64
N ASN C 158 -13.36 -19.62 -4.60
CA ASN C 158 -12.90 -18.32 -5.10
C ASN C 158 -13.04 -18.44 -6.62
N GLU C 159 -14.17 -17.99 -7.16
CA GLU C 159 -14.50 -18.17 -8.56
C GLU C 159 -14.75 -16.82 -9.21
N GLY C 160 -14.26 -16.65 -10.43
CA GLY C 160 -14.43 -15.40 -11.14
C GLY C 160 -15.81 -15.29 -11.76
N GLN C 161 -16.29 -14.05 -11.83
CA GLN C 161 -17.58 -13.75 -12.41
C GLN C 161 -17.53 -13.77 -13.93
N ASN C 162 -18.72 -13.85 -14.53
CA ASN C 162 -18.88 -13.74 -15.96
C ASN C 162 -19.65 -12.47 -16.30
N ALA C 163 -19.13 -11.72 -17.25
CA ALA C 163 -19.81 -10.52 -17.70
C ALA C 163 -21.18 -10.84 -18.29
N GLN C 164 -21.42 -12.09 -18.71
CA GLN C 164 -22.70 -12.44 -19.35
C GLN C 164 -23.80 -12.68 -18.31
N ASP C 165 -23.67 -13.77 -17.55
CA ASP C 165 -24.61 -14.12 -16.49
C ASP C 165 -24.00 -13.70 -15.15
N ILE C 166 -24.77 -12.98 -14.34
CA ILE C 166 -24.22 -12.41 -13.12
C ILE C 166 -24.44 -13.34 -11.92
N ASN C 167 -24.81 -14.60 -12.17
CA ASN C 167 -24.99 -15.54 -11.08
C ASN C 167 -23.82 -16.53 -10.90
N VAL C 168 -22.67 -16.25 -11.52
CA VAL C 168 -21.46 -17.07 -11.38
C VAL C 168 -20.43 -16.32 -10.56
N GLY C 169 -19.76 -17.01 -9.62
CA GLY C 169 -18.55 -16.50 -8.99
C GLY C 169 -18.72 -15.98 -7.56
N THR C 170 -17.60 -15.52 -7.00
CA THR C 170 -17.54 -14.94 -5.67
C THR C 170 -16.93 -13.54 -5.77
N ASN C 171 -17.08 -12.77 -4.68
CA ASN C 171 -16.67 -11.37 -4.68
C ASN C 171 -15.20 -11.16 -4.96
N ASN C 172 -14.36 -12.13 -4.62
CA ASN C 172 -12.92 -11.90 -4.47
C ASN C 172 -12.15 -12.32 -5.70
N ARG C 173 -12.79 -12.43 -6.86
CA ARG C 173 -12.10 -12.74 -8.09
C ARG C 173 -12.67 -11.87 -9.19
N SER C 174 -11.83 -11.03 -9.80
CA SER C 174 -12.39 -10.11 -10.78
C SER C 174 -12.71 -10.89 -12.05
N SER C 175 -13.55 -10.31 -12.89
CA SER C 175 -14.00 -11.01 -14.09
C SER C 175 -12.79 -11.36 -14.96
N ASP C 176 -11.76 -10.51 -14.95
CA ASP C 176 -10.52 -10.71 -15.71
C ASP C 176 -9.52 -11.58 -14.96
N SER C 177 -10.00 -12.42 -14.05
CA SER C 177 -9.12 -13.31 -13.31
C SER C 177 -8.49 -14.35 -14.24
N ASP C 178 -7.23 -14.69 -13.96
CA ASP C 178 -6.65 -15.87 -14.58
C ASP C 178 -7.34 -17.08 -13.98
N VAL C 179 -8.02 -17.86 -14.82
CA VAL C 179 -8.87 -18.93 -14.33
C VAL C 179 -8.09 -20.00 -13.55
N ARG C 180 -6.78 -20.11 -13.81
CA ARG C 180 -5.94 -21.13 -13.17
C ARG C 180 -5.82 -20.93 -11.66
N PHE C 181 -5.81 -19.69 -11.20
CA PHE C 181 -5.67 -19.43 -9.77
C PHE C 181 -7.02 -19.33 -9.05
N ASP C 182 -8.12 -19.69 -9.69
CA ASP C 182 -9.38 -19.84 -9.01
C ASP C 182 -9.44 -21.24 -8.39
N ASN C 183 -10.53 -21.52 -7.68
CA ASN C 183 -10.72 -22.80 -7.01
C ASN C 183 -12.15 -22.88 -6.48
N GLY C 184 -12.64 -24.11 -6.34
CA GLY C 184 -13.87 -24.34 -5.62
C GLY C 184 -13.55 -24.68 -4.19
N ASP C 185 -14.55 -25.21 -3.49
CA ASP C 185 -14.34 -25.57 -2.11
C ASP C 185 -13.41 -26.78 -2.04
N GLY C 186 -12.76 -26.94 -0.91
CA GLY C 186 -11.79 -28.01 -0.74
C GLY C 186 -11.24 -28.10 0.67
N PHE C 187 -10.81 -29.30 1.05
CA PHE C 187 -10.22 -29.52 2.36
C PHE C 187 -8.79 -30.03 2.21
N GLY C 188 -8.05 -29.96 3.31
CA GLY C 188 -6.66 -30.37 3.30
C GLY C 188 -6.29 -31.03 4.61
N LEU C 189 -5.36 -31.98 4.52
CA LEU C 189 -4.87 -32.67 5.70
C LEU C 189 -3.36 -32.67 5.70
N SER C 190 -2.78 -32.55 6.88
CA SER C 190 -1.33 -32.51 6.99
C SER C 190 -0.97 -32.92 8.40
N THR C 191 0.23 -33.47 8.56
CA THR C 191 0.73 -33.88 9.87
C THR C 191 2.24 -33.97 9.80
N SER C 192 2.92 -33.80 10.94
CA SER C 192 4.37 -33.74 10.97
C SER C 192 4.85 -34.31 12.30
N TYR C 193 6.11 -34.77 12.31
CA TYR C 193 6.67 -35.38 13.50
C TYR C 193 8.16 -35.11 13.58
N ASP C 194 8.65 -34.87 14.80
CA ASP C 194 10.07 -34.79 15.10
C ASP C 194 10.39 -35.99 15.96
N PHE C 195 11.28 -36.86 15.46
CA PHE C 195 11.61 -38.13 16.12
C PHE C 195 12.62 -38.00 17.25
N GLY C 196 13.15 -36.81 17.49
CA GLY C 196 14.05 -36.57 18.58
C GLY C 196 15.53 -36.70 18.26
N MET C 197 15.87 -37.34 17.14
CA MET C 197 17.25 -37.52 16.68
C MET C 197 17.67 -36.47 15.66
N GLY C 198 16.89 -35.42 15.49
CA GLY C 198 17.12 -34.52 14.39
C GLY C 198 16.48 -34.95 13.08
N ILE C 199 15.83 -36.12 13.04
CA ILE C 199 15.10 -36.56 11.85
C ILE C 199 13.64 -36.25 12.08
N SER C 200 13.00 -35.63 11.09
CA SER C 200 11.58 -35.30 11.15
C SER C 200 10.90 -35.64 9.83
N ALA C 201 9.62 -35.97 9.92
CA ALA C 201 8.79 -36.29 8.76
C ALA C 201 7.52 -35.45 8.77
N ALA C 202 6.96 -35.24 7.58
CA ALA C 202 5.68 -34.55 7.41
C ALA C 202 5.04 -35.08 6.15
N ALA C 203 3.72 -34.92 6.08
CA ALA C 203 2.97 -35.25 4.88
C ALA C 203 1.70 -34.42 4.88
N ALA C 204 1.17 -34.18 3.69
CA ALA C 204 -0.03 -33.37 3.54
C ALA C 204 -0.83 -33.89 2.36
N TYR C 205 -2.14 -33.69 2.44
CA TYR C 205 -3.06 -34.14 1.40
C TYR C 205 -4.18 -33.13 1.29
N THR C 206 -4.50 -32.70 0.07
CA THR C 206 -5.61 -31.80 -0.14
C THR C 206 -6.44 -32.28 -1.31
N SER C 207 -7.74 -31.95 -1.26
CA SER C 207 -8.63 -32.25 -2.37
C SER C 207 -9.72 -31.18 -2.44
N SER C 208 -9.90 -30.61 -3.63
CA SER C 208 -10.83 -29.52 -3.84
C SER C 208 -11.48 -29.69 -5.20
N ASP C 209 -12.72 -29.22 -5.32
CA ASP C 209 -13.40 -29.10 -6.61
C ASP C 209 -12.81 -27.97 -7.46
N ARG C 210 -12.97 -28.09 -8.77
CA ARG C 210 -12.50 -27.08 -9.71
C ARG C 210 -13.70 -26.35 -10.29
N THR C 211 -13.54 -25.06 -10.56
CA THR C 211 -14.69 -24.29 -10.98
C THR C 211 -15.09 -24.70 -12.39
N ASN C 212 -16.38 -24.53 -12.70
CA ASN C 212 -16.85 -24.89 -14.04
C ASN C 212 -15.96 -24.28 -15.10
N ASP C 213 -15.56 -23.02 -14.92
CA ASP C 213 -14.73 -22.34 -15.90
C ASP C 213 -13.35 -22.98 -16.02
N GLN C 214 -12.86 -23.59 -14.95
CA GLN C 214 -11.61 -24.33 -15.01
C GLN C 214 -11.76 -25.63 -15.77
N MET C 215 -12.92 -26.29 -15.60
CA MET C 215 -13.21 -27.52 -16.33
C MET C 215 -13.38 -27.27 -17.83
N THR C 216 -13.80 -26.06 -18.20
CA THR C 216 -14.12 -25.73 -19.57
C THR C 216 -13.02 -24.96 -20.30
N GLN C 217 -12.24 -24.13 -19.60
CA GLN C 217 -11.32 -23.21 -20.26
C GLN C 217 -9.84 -23.52 -20.04
N THR C 218 -9.52 -24.57 -19.31
CA THR C 218 -8.13 -24.91 -19.09
C THR C 218 -7.81 -26.19 -19.84
N ASN C 219 -6.52 -26.41 -20.09
CA ASN C 219 -6.11 -27.57 -20.85
C ASN C 219 -5.80 -28.75 -19.95
N ALA C 220 -6.43 -28.78 -18.78
CA ALA C 220 -6.47 -29.94 -17.91
C ALA C 220 -7.93 -30.30 -17.77
N ARG C 221 -8.27 -31.56 -18.01
CA ARG C 221 -9.65 -32.00 -17.94
C ARG C 221 -9.85 -32.79 -16.67
N GLY C 222 -10.99 -32.54 -16.01
CA GLY C 222 -11.34 -33.16 -14.76
C GLY C 222 -12.07 -32.18 -13.88
N ASP C 223 -12.72 -32.70 -12.84
CA ASP C 223 -13.57 -31.85 -12.01
C ASP C 223 -13.01 -31.61 -10.63
N LYS C 224 -11.85 -32.16 -10.30
CA LYS C 224 -11.26 -31.95 -8.99
C LYS C 224 -9.75 -31.79 -9.12
N ALA C 225 -9.19 -31.07 -8.16
CA ALA C 225 -7.76 -30.85 -8.06
C ALA C 225 -7.30 -31.52 -6.78
N GLU C 226 -6.32 -32.44 -6.91
CA GLU C 226 -5.86 -33.23 -5.78
C GLU C 226 -4.34 -33.13 -5.70
N ALA C 227 -3.83 -33.27 -4.48
CA ALA C 227 -2.41 -33.21 -4.28
C ALA C 227 -2.08 -34.00 -3.04
N TRP C 228 -0.84 -34.49 -3.01
CA TRP C 228 -0.31 -35.21 -1.87
C TRP C 228 1.18 -34.95 -1.85
N THR C 229 1.75 -34.94 -0.67
CA THR C 229 3.17 -34.69 -0.54
C THR C 229 3.64 -35.33 0.75
N ALA C 230 4.90 -35.74 0.75
CA ALA C 230 5.55 -36.21 1.96
C ALA C 230 6.97 -35.68 1.93
N GLY C 231 7.58 -35.59 3.09
CA GLY C 231 8.93 -35.09 3.14
C GLY C 231 9.63 -35.55 4.39
N LEU C 232 10.95 -35.51 4.34
CA LEU C 232 11.79 -35.84 5.46
C LEU C 232 12.81 -34.74 5.58
N LYS C 233 13.23 -34.49 6.81
CA LYS C 233 14.29 -33.54 7.01
C LYS C 233 15.18 -34.05 8.13
N TYR C 234 16.47 -33.81 7.96
CA TYR C 234 17.45 -34.01 9.00
C TYR C 234 17.99 -32.63 9.34
N ASP C 235 17.81 -32.23 10.60
CA ASP C 235 18.16 -30.88 11.06
C ASP C 235 18.91 -31.06 12.37
N ALA C 236 20.23 -31.26 12.29
CA ALA C 236 21.04 -31.49 13.48
C ALA C 236 22.52 -31.39 13.13
N ASN C 237 23.32 -31.20 14.18
CA ASN C 237 24.79 -31.16 14.06
C ASN C 237 25.23 -30.29 12.90
N ASP C 238 24.68 -29.07 12.85
CA ASP C 238 24.97 -28.08 11.82
C ASP C 238 24.60 -28.53 10.43
N ILE C 239 23.75 -29.54 10.29
CA ILE C 239 23.34 -30.01 8.98
C ILE C 239 21.85 -29.75 8.80
N TYR C 240 21.49 -29.26 7.62
CA TYR C 240 20.09 -29.15 7.26
C TYR C 240 19.94 -29.88 5.94
N LEU C 241 19.26 -31.01 6.00
CA LEU C 241 18.94 -31.82 4.86
C LEU C 241 17.43 -31.88 4.80
N ALA C 242 16.85 -31.52 3.67
CA ALA C 242 15.40 -31.63 3.55
C ALA C 242 15.08 -32.09 2.14
N THR C 243 14.25 -33.10 2.03
CA THR C 243 13.77 -33.51 0.72
C THR C 243 12.26 -33.66 0.73
N MET C 244 11.68 -33.68 -0.45
CA MET C 244 10.23 -33.74 -0.57
C MET C 244 9.85 -34.34 -1.91
N TYR C 245 8.82 -35.16 -1.91
CA TYR C 245 8.20 -35.65 -3.14
C TYR C 245 6.71 -35.32 -3.08
N SER C 246 6.13 -34.98 -4.23
CA SER C 246 4.72 -34.58 -4.29
C SER C 246 4.14 -35.01 -5.63
N GLU C 247 2.81 -35.07 -5.69
CA GLU C 247 2.07 -35.32 -6.93
C GLU C 247 0.84 -34.45 -6.95
N THR C 248 0.51 -33.90 -8.12
CA THR C 248 -0.69 -33.07 -8.28
C THR C 248 -1.48 -33.48 -9.53
N ARG C 249 -2.80 -33.29 -9.46
CA ARG C 249 -3.70 -33.65 -10.56
C ARG C 249 -4.64 -32.49 -10.84
N ASN C 250 -4.68 -32.03 -12.09
CA ASN C 250 -5.61 -30.99 -12.58
C ASN C 250 -5.54 -29.71 -11.75
N MET C 251 -4.36 -29.37 -11.24
CA MET C 251 -4.21 -28.23 -10.35
C MET C 251 -3.05 -27.30 -10.70
N THR C 252 -1.85 -27.83 -10.87
CA THR C 252 -0.68 -26.97 -10.98
C THR C 252 -0.66 -26.23 -12.31
N PRO C 253 -0.43 -24.93 -12.31
CA PRO C 253 -0.36 -24.20 -13.58
C PRO C 253 1.07 -24.29 -14.11
N TYR C 254 1.22 -23.95 -15.38
CA TYR C 254 2.54 -23.89 -16.00
C TYR C 254 2.39 -22.95 -17.18
N GLY C 255 3.46 -22.21 -17.47
CA GLY C 255 3.41 -21.32 -18.61
C GLY C 255 2.37 -20.24 -18.39
N ASN C 256 2.02 -19.59 -19.50
CA ASN C 256 1.07 -18.49 -19.47
C ASN C 256 -0.36 -18.96 -19.27
N ASP C 257 -0.73 -20.09 -19.86
CA ASP C 257 -2.12 -20.47 -19.85
C ASP C 257 -2.27 -21.99 -19.87
N GLY C 258 -1.69 -22.67 -18.89
CA GLY C 258 -1.67 -24.11 -18.88
C GLY C 258 -1.90 -24.66 -17.49
N VAL C 259 -2.60 -25.79 -17.45
CA VAL C 259 -2.76 -26.57 -16.23
C VAL C 259 -2.35 -28.00 -16.56
N ALA C 260 -1.58 -28.61 -15.68
CA ALA C 260 -1.12 -29.97 -15.93
C ALA C 260 -2.11 -30.96 -15.35
N ASN C 261 -2.54 -31.91 -16.16
CA ASN C 261 -3.42 -32.97 -15.65
C ASN C 261 -2.71 -33.78 -14.57
N LYS C 262 -1.39 -33.90 -14.65
CA LYS C 262 -0.64 -34.59 -13.60
C LYS C 262 0.76 -34.00 -13.53
N THR C 263 1.33 -34.02 -12.33
CA THR C 263 2.72 -33.66 -12.11
C THR C 263 3.37 -34.62 -11.14
N GLN C 264 4.65 -34.89 -11.37
CA GLN C 264 5.52 -35.53 -10.39
C GLN C 264 6.60 -34.51 -10.09
N ASN C 265 6.83 -34.24 -8.80
CA ASN C 265 7.67 -33.14 -8.34
C ASN C 265 8.63 -33.63 -7.26
N PHE C 266 9.86 -33.16 -7.33
CA PHE C 266 10.85 -33.53 -6.33
C PHE C 266 11.68 -32.30 -6.01
N GLU C 267 12.04 -32.15 -4.73
CA GLU C 267 12.96 -31.12 -4.29
C GLU C 267 13.87 -31.71 -3.24
N VAL C 268 15.12 -31.25 -3.22
CA VAL C 268 16.03 -31.65 -2.15
C VAL C 268 16.95 -30.46 -1.90
N THR C 269 17.21 -30.19 -0.63
CA THR C 269 18.13 -29.12 -0.25
C THR C 269 19.03 -29.66 0.83
N ALA C 270 20.33 -29.51 0.64
CA ALA C 270 21.35 -29.98 1.59
C ALA C 270 22.19 -28.78 2.01
N GLN C 271 22.24 -28.52 3.32
CA GLN C 271 22.90 -27.34 3.87
C GLN C 271 23.73 -27.67 5.10
N TYR C 272 24.76 -26.87 5.32
CA TYR C 272 25.60 -26.94 6.51
C TYR C 272 25.65 -25.55 7.13
N GLN C 273 25.77 -25.47 8.46
CA GLN C 273 25.84 -24.17 9.12
C GLN C 273 27.19 -24.00 9.83
N PHE C 274 28.03 -23.11 9.31
CA PHE C 274 29.29 -22.83 9.98
C PHE C 274 29.05 -21.93 11.18
N ASP C 275 29.87 -22.11 12.21
CA ASP C 275 29.71 -21.33 13.42
C ASP C 275 29.92 -19.83 13.19
N PHE C 276 30.75 -19.45 12.21
CA PHE C 276 31.04 -18.04 11.99
C PHE C 276 30.06 -17.34 11.06
N GLY C 277 29.03 -18.04 10.59
CA GLY C 277 27.93 -17.40 9.89
C GLY C 277 27.71 -17.81 8.46
N LEU C 278 28.58 -18.60 7.83
CA LEU C 278 28.37 -18.96 6.44
C LEU C 278 27.51 -20.21 6.36
N ARG C 279 26.51 -20.19 5.47
CA ARG C 279 25.59 -21.32 5.31
C ARG C 279 25.48 -21.64 3.82
N PRO C 280 26.37 -22.49 3.30
CA PRO C 280 26.24 -22.92 1.91
C PRO C 280 25.11 -23.92 1.78
N ALA C 281 24.57 -24.00 0.57
CA ALA C 281 23.42 -24.87 0.33
C ALA C 281 23.47 -25.38 -1.10
N ILE C 282 23.31 -26.69 -1.26
CA ILE C 282 23.16 -27.35 -2.55
C ILE C 282 21.72 -27.84 -2.66
N SER C 283 21.05 -27.55 -3.78
CA SER C 283 19.65 -27.95 -3.88
C SER C 283 19.26 -28.35 -5.29
N TYR C 284 18.22 -29.19 -5.37
CA TYR C 284 17.70 -29.72 -6.62
C TYR C 284 16.18 -29.67 -6.56
N LEU C 285 15.56 -29.21 -7.65
CA LEU C 285 14.11 -29.05 -7.78
C LEU C 285 13.66 -29.55 -9.14
N GLN C 286 12.62 -30.37 -9.16
CA GLN C 286 12.08 -30.81 -10.43
C GLN C 286 10.56 -30.90 -10.36
N SER C 287 9.93 -30.55 -11.47
CA SER C 287 8.50 -30.77 -11.67
C SER C 287 8.35 -31.41 -13.05
N LYS C 288 7.94 -32.68 -13.07
CA LYS C 288 7.73 -33.38 -14.33
C LYS C 288 6.24 -33.27 -14.64
N GLY C 289 5.92 -32.45 -15.64
CA GLY C 289 4.56 -32.41 -16.11
C GLY C 289 4.21 -33.67 -16.88
N LYS C 290 2.94 -34.03 -16.85
CA LYS C 290 2.46 -35.25 -17.49
C LYS C 290 1.13 -34.97 -18.16
N ASP C 291 0.91 -35.61 -19.29
CA ASP C 291 -0.35 -35.54 -20.02
C ASP C 291 -0.75 -34.11 -20.37
N LEU C 292 0.22 -33.26 -20.72
CA LEU C 292 -0.10 -31.89 -21.10
C LEU C 292 -0.78 -31.88 -22.47
N TYR C 293 -1.98 -31.30 -22.51
CA TYR C 293 -2.83 -31.22 -23.71
C TYR C 293 -2.48 -29.96 -24.51
N ASN C 294 -1.65 -30.10 -25.55
CA ASN C 294 -1.15 -28.93 -26.28
C ASN C 294 -2.01 -28.54 -27.49
N ASN C 295 -2.23 -29.46 -28.43
CA ASN C 295 -2.87 -29.13 -29.71
C ASN C 295 -3.78 -30.27 -30.15
N GLY C 296 -4.55 -30.81 -29.23
CA GLY C 296 -5.30 -32.01 -29.49
C GLY C 296 -4.58 -33.29 -29.12
N ARG C 297 -3.34 -33.20 -28.63
CA ARG C 297 -2.59 -34.39 -28.24
C ARG C 297 -1.85 -34.15 -26.91
N TYR C 298 -1.63 -35.24 -26.18
CA TYR C 298 -0.88 -35.23 -24.92
C TYR C 298 0.64 -35.41 -25.10
N ALA C 299 1.40 -34.86 -24.16
CA ALA C 299 2.87 -34.90 -24.13
C ALA C 299 3.33 -34.71 -22.69
N ASP C 300 4.53 -35.21 -22.39
CA ASP C 300 5.15 -35.12 -21.06
C ASP C 300 6.36 -34.18 -21.12
N LYS C 301 6.33 -33.10 -20.35
CA LYS C 301 7.45 -32.17 -20.37
C LYS C 301 7.80 -31.73 -18.96
N ASP C 302 9.09 -31.52 -18.73
CA ASP C 302 9.53 -30.86 -17.51
C ASP C 302 9.05 -29.41 -17.51
N LEU C 303 8.28 -29.04 -16.51
CA LEU C 303 7.83 -27.66 -16.35
C LEU C 303 8.82 -26.85 -15.53
N VAL C 304 9.43 -27.47 -14.54
CA VAL C 304 10.45 -26.83 -13.71
C VAL C 304 11.56 -27.84 -13.51
N LYS C 305 12.80 -27.41 -13.68
CA LYS C 305 13.93 -28.31 -13.44
C LYS C 305 15.23 -27.53 -13.34
N TYR C 306 15.75 -27.38 -12.13
CA TYR C 306 17.01 -26.67 -12.01
C TYR C 306 17.72 -27.14 -10.75
N MET C 307 19.04 -26.96 -10.79
CA MET C 307 19.91 -27.21 -9.66
C MET C 307 20.35 -25.86 -9.12
N ASP C 308 20.59 -25.81 -7.82
CA ASP C 308 20.91 -24.55 -7.20
C ASP C 308 22.10 -24.73 -6.29
N VAL C 309 23.02 -23.78 -6.37
CA VAL C 309 24.15 -23.68 -5.46
C VAL C 309 24.22 -22.24 -4.99
N GLY C 310 24.42 -22.05 -3.69
CA GLY C 310 24.50 -20.70 -3.15
C GLY C 310 24.83 -20.73 -1.68
N ALA C 311 25.11 -19.53 -1.16
CA ALA C 311 25.44 -19.36 0.25
C ALA C 311 24.81 -18.07 0.79
N THR C 312 24.49 -18.10 2.07
CA THR C 312 24.05 -16.93 2.82
C THR C 312 25.01 -16.72 3.96
N TYR C 313 25.39 -15.46 4.21
CA TYR C 313 26.26 -15.16 5.35
C TYR C 313 25.50 -14.30 6.35
N TYR C 314 25.40 -14.81 7.58
CA TYR C 314 24.67 -14.18 8.68
C TYR C 314 25.64 -13.38 9.57
N PHE C 315 25.62 -12.06 9.45
CA PHE C 315 26.34 -11.25 10.42
C PHE C 315 25.77 -11.48 11.82
N ASN C 316 24.44 -11.50 11.92
CA ASN C 316 23.70 -11.78 13.16
C ASN C 316 22.25 -12.06 12.79
N ARG C 317 21.38 -12.17 13.81
CA ARG C 317 19.98 -12.44 13.53
C ARG C 317 19.30 -11.34 12.73
N ASN C 318 19.91 -10.15 12.64
CA ASN C 318 19.25 -9.01 12.03
C ASN C 318 19.82 -8.56 10.69
N MET C 319 20.98 -9.08 10.27
CA MET C 319 21.56 -8.68 9.01
C MET C 319 22.23 -9.89 8.36
N SER C 320 22.18 -9.93 7.03
CA SER C 320 22.71 -11.05 6.28
C SER C 320 22.92 -10.61 4.84
N THR C 321 23.78 -11.33 4.12
CA THR C 321 23.92 -11.13 2.68
C THR C 321 24.17 -12.46 2.00
N TYR C 322 23.85 -12.55 0.71
CA TYR C 322 23.87 -13.87 0.10
C TYR C 322 24.00 -13.79 -1.42
N VAL C 323 24.38 -14.93 -1.98
CA VAL C 323 24.48 -15.17 -3.41
C VAL C 323 23.74 -16.46 -3.73
N ASP C 324 22.97 -16.46 -4.81
CA ASP C 324 22.30 -17.68 -5.23
C ASP C 324 22.41 -17.85 -6.73
N TYR C 325 22.80 -19.05 -7.16
CA TYR C 325 23.02 -19.37 -8.56
C TYR C 325 22.01 -20.44 -8.96
N LYS C 326 21.07 -20.07 -9.82
CA LYS C 326 20.04 -20.99 -10.33
C LYS C 326 20.46 -21.46 -11.72
N ILE C 327 20.78 -22.74 -11.85
CA ILE C 327 21.25 -23.30 -13.11
C ILE C 327 20.06 -24.01 -13.72
N ASN C 328 19.41 -23.41 -14.71
CA ASN C 328 18.17 -23.98 -15.17
C ASN C 328 18.49 -25.04 -16.22
N LEU C 329 17.99 -26.25 -15.96
CA LEU C 329 18.30 -27.42 -16.78
C LEU C 329 17.24 -27.63 -17.85
N LEU C 330 16.28 -26.73 -17.97
CA LEU C 330 15.30 -26.89 -19.02
C LEU C 330 15.97 -26.58 -20.35
N ASP C 331 15.54 -27.29 -21.38
CA ASP C 331 16.15 -27.19 -22.70
C ASP C 331 15.69 -25.91 -23.38
N GLY C 332 16.60 -24.95 -23.49
CA GLY C 332 16.31 -23.72 -24.19
C GLY C 332 16.03 -23.91 -25.65
N ASN C 333 16.46 -25.04 -26.21
CA ASN C 333 16.21 -25.37 -27.60
C ASN C 333 14.97 -26.23 -27.79
N ASP C 334 14.14 -26.33 -26.78
CA ASP C 334 12.86 -27.00 -26.88
C ASP C 334 11.88 -25.88 -27.01
N LYS C 335 11.23 -25.79 -28.18
CA LYS C 335 10.36 -24.65 -28.45
C LYS C 335 9.17 -24.59 -27.50
N PHE C 336 8.86 -25.69 -26.81
CA PHE C 336 7.78 -25.71 -25.84
C PHE C 336 7.92 -24.58 -24.82
N TYR C 337 9.14 -24.35 -24.34
CA TYR C 337 9.32 -23.40 -23.24
C TYR C 337 9.02 -21.97 -23.68
N GLU C 338 9.67 -21.50 -24.74
CA GLU C 338 9.37 -20.17 -25.25
C GLU C 338 7.87 -20.05 -25.58
N ASP C 339 7.30 -21.10 -26.17
CA ASP C 339 5.89 -21.08 -26.57
C ASP C 339 4.97 -20.80 -25.39
N ASN C 340 5.24 -21.40 -24.25
CA ASN C 340 4.46 -21.20 -23.05
C ASN C 340 4.97 -20.06 -22.19
N GLY C 341 6.09 -19.46 -22.57
CA GLY C 341 6.66 -18.40 -21.77
C GLY C 341 7.38 -18.89 -20.53
N ILE C 342 7.74 -20.16 -20.46
CA ILE C 342 8.51 -20.66 -19.33
C ILE C 342 9.98 -20.38 -19.61
N SER C 343 10.64 -19.67 -18.70
CA SER C 343 12.02 -19.29 -18.92
C SER C 343 12.95 -20.50 -18.79
N THR C 344 14.00 -20.50 -19.64
CA THR C 344 15.06 -21.50 -19.60
C THR C 344 16.36 -20.94 -19.05
N ASP C 345 16.45 -19.62 -18.85
CA ASP C 345 17.73 -18.98 -18.58
C ASP C 345 18.12 -19.16 -17.12
N ASN C 346 19.39 -18.89 -16.84
CA ASN C 346 19.98 -18.93 -15.51
C ASN C 346 19.79 -17.60 -14.81
N ILE C 347 19.92 -17.61 -13.49
CA ILE C 347 19.91 -16.37 -12.72
C ILE C 347 20.98 -16.44 -11.65
N VAL C 348 21.61 -15.29 -11.40
CA VAL C 348 22.52 -15.10 -10.27
C VAL C 348 21.91 -14.01 -9.39
N ALA C 349 21.76 -14.31 -8.10
CA ALA C 349 21.13 -13.40 -7.16
C ALA C 349 22.19 -12.88 -6.19
N LEU C 350 22.15 -11.57 -5.95
CA LEU C 350 23.00 -10.94 -4.95
C LEU C 350 22.07 -10.22 -3.99
N GLY C 351 22.22 -10.48 -2.71
CA GLY C 351 21.27 -9.96 -1.76
C GLY C 351 21.95 -9.43 -0.53
N LEU C 352 21.42 -8.33 -0.02
CA LEU C 352 21.88 -7.75 1.23
C LEU C 352 20.61 -7.39 2.00
N VAL C 353 20.44 -7.98 3.18
CA VAL C 353 19.13 -8.09 3.81
C VAL C 353 19.19 -7.65 5.26
N TYR C 354 18.39 -6.64 5.62
CA TYR C 354 18.19 -6.26 7.01
C TYR C 354 16.86 -6.82 7.50
N GLN C 355 16.85 -7.36 8.71
CA GLN C 355 15.65 -7.92 9.31
C GLN C 355 15.49 -7.36 10.71
N PHE C 356 14.24 -7.33 11.16
CA PHE C 356 13.90 -6.82 12.47
C PHE C 356 12.73 -7.59 13.00
#